data_8YMC
#
_entry.id   8YMC
#
_cell.length_a   1.00
_cell.length_b   1.00
_cell.length_c   1.00
_cell.angle_alpha   90.00
_cell.angle_beta   90.00
_cell.angle_gamma   90.00
#
_symmetry.space_group_name_H-M   'P 1'
#
loop_
_entity.id
_entity.type
_entity.pdbx_description
1 polymer 'Cell division ATP-binding protein FtsE'
2 polymer 'Cell division protein FtsX'
3 non-polymer "ADENOSINE-5'-TRIPHOSPHATE"
4 non-polymer '2-(HEXADECANOYLOXY)-1-[(PHOSPHONOOXY)METHYL]ETHYL HEXADECANOATE'
#
loop_
_entity_poly.entity_id
_entity_poly.type
_entity_poly.pdbx_seq_one_letter_code
_entity_poly.pdbx_strand_id
1 'polypeptide(L)'
;SGSIRFEHVSKAYLGGRQALQGVTFHMQPGEMAFLTGHSGAGKSTLLKLICGIERPSAGKIWFSGHDITRLKNREVPFLR
RQIGMIFQDHHLLMDRTVYDNVAIPLIIAGASGDDIRRRVSAALDKVGLLDKAKNFPIQLSGGEQQRVGIARAVVNKPAV
LLADQPTGNLDDALSEGILRLFEEFNRVGVTVLMATHDINLISRRSYRMLTLSDGHLHGGVGHE
;
A,B
2 'polypeptide(L)'
;MVTCMEAWAMNKRFRKSVGGSGDGGRNAPKRAKSSPKPVNRKTNVFNEQVRYAFHGALQDLKSKPFATFLTVMVIAISLT
LPSVCYMVYKNVNQAATQYYPSPQITVYLQKTLDDDAAAGVVAQLQAEQGVEKVNYLSREDALGEFRNWSGFGGALDMLE
ENPLPAVAVVIPKLDFQGTESLNTLRDRITQINGIDEVRMDDSWFARLAALTGLVGRVSAMIGVLMVAAVFLVIGNSVRL
SIFARRDSINVQKLIGATDGFILRPFLYGGALLGFSGALLSLILSEILVLRLSSAVAEVAQVFGTKFDINGLSFDECLLL
LLVCSMIGWVAAWLATVQHLRHFTPE
;
C,D
#
# COMPACT_ATOMS: atom_id res chain seq x y z
N SER A 1 2.37 -36.10 34.66
CA SER A 1 2.68 -35.23 35.78
C SER A 1 2.42 -33.77 35.44
N GLY A 2 2.28 -32.94 36.47
CA GLY A 2 2.10 -31.52 36.27
C GLY A 2 3.03 -30.70 37.16
N SER A 3 4.19 -31.26 37.45
CA SER A 3 5.14 -30.63 38.34
C SER A 3 5.96 -29.57 37.61
N ILE A 4 6.45 -28.59 38.38
CA ILE A 4 7.32 -27.54 37.88
C ILE A 4 8.53 -27.46 38.79
N ARG A 5 9.71 -27.35 38.20
CA ARG A 5 10.94 -27.33 38.96
C ARG A 5 11.89 -26.28 38.39
N PHE A 6 12.49 -25.48 39.28
CA PHE A 6 13.47 -24.48 38.92
C PHE A 6 14.81 -24.85 39.55
N GLU A 7 15.90 -24.45 38.92
CA GLU A 7 17.24 -24.78 39.39
C GLU A 7 18.18 -23.63 39.03
N HIS A 8 18.39 -22.71 39.97
CA HIS A 8 19.31 -21.59 39.79
C HIS A 8 18.98 -20.78 38.54
N VAL A 9 17.69 -20.58 38.30
CA VAL A 9 17.24 -19.85 37.13
C VAL A 9 17.46 -18.37 37.32
N SER A 10 18.01 -17.71 36.30
CA SER A 10 18.23 -16.27 36.33
C SER A 10 17.96 -15.70 34.95
N LYS A 11 17.16 -14.64 34.90
CA LYS A 11 16.76 -14.02 33.64
C LYS A 11 17.19 -12.56 33.64
N ALA A 12 17.75 -12.12 32.51
CA ALA A 12 18.17 -10.74 32.33
C ALA A 12 17.78 -10.30 30.93
N TYR A 13 16.88 -9.32 30.85
CA TYR A 13 16.40 -8.87 29.55
C TYR A 13 17.51 -8.16 28.79
N LEU A 14 17.33 -8.08 27.47
CA LEU A 14 18.35 -7.53 26.58
C LEU A 14 18.61 -6.06 26.92
N GLY A 15 19.79 -5.77 27.44
CA GLY A 15 20.13 -4.41 27.80
C GLY A 15 19.36 -3.85 28.97
N GLY A 16 18.70 -4.71 29.75
CA GLY A 16 17.90 -4.25 30.86
C GLY A 16 18.33 -4.80 32.20
N ARG A 17 17.44 -4.75 33.18
CA ARG A 17 17.73 -5.18 34.54
C ARG A 17 17.64 -6.70 34.66
N GLN A 18 18.37 -7.23 35.63
CA GLN A 18 18.34 -8.67 35.91
C GLN A 18 17.06 -8.96 36.68
N ALA A 19 16.05 -9.46 35.98
CA ALA A 19 14.74 -9.67 36.59
C ALA A 19 14.79 -10.69 37.71
N LEU A 20 15.54 -11.77 37.51
CA LEU A 20 15.61 -12.85 38.50
C LEU A 20 17.07 -13.23 38.74
N GLN A 21 17.40 -13.50 40.00
CA GLN A 21 18.75 -13.90 40.39
C GLN A 21 18.68 -15.22 41.14
N GLY A 22 19.01 -16.32 40.46
CA GLY A 22 19.13 -17.61 41.09
C GLY A 22 17.88 -18.14 41.75
N VAL A 23 16.75 -18.07 41.05
CA VAL A 23 15.51 -18.62 41.58
C VAL A 23 15.59 -20.14 41.59
N THR A 24 15.18 -20.75 42.69
CA THR A 24 15.22 -22.20 42.84
C THR A 24 14.05 -22.65 43.70
N PHE A 25 13.16 -23.44 43.10
CA PHE A 25 12.00 -23.99 43.80
C PHE A 25 11.43 -25.11 42.95
N HIS A 26 10.49 -25.86 43.53
CA HIS A 26 9.76 -26.87 42.80
C HIS A 26 8.35 -26.97 43.36
N MET A 27 7.42 -27.43 42.51
CA MET A 27 6.03 -27.58 42.89
C MET A 27 5.57 -28.99 42.56
N GLN A 28 5.01 -29.68 43.55
CA GLN A 28 4.46 -30.99 43.31
C GLN A 28 3.17 -30.86 42.48
N PRO A 29 2.83 -31.88 41.70
CA PRO A 29 1.61 -31.80 40.89
C PRO A 29 0.37 -31.67 41.77
N GLY A 30 -0.57 -30.86 41.31
CA GLY A 30 -1.84 -30.71 41.98
C GLY A 30 -1.86 -29.79 43.18
N GLU A 31 -0.79 -29.04 43.43
CA GLU A 31 -0.76 -28.12 44.57
C GLU A 31 -0.94 -26.68 44.11
N MET A 32 -1.50 -25.87 44.99
CA MET A 32 -1.83 -24.48 44.69
C MET A 32 -1.01 -23.56 45.59
N ALA A 33 -0.38 -22.56 44.99
CA ALA A 33 0.48 -21.64 45.72
C ALA A 33 0.29 -20.22 45.21
N PHE A 34 0.56 -19.26 46.09
CA PHE A 34 0.46 -17.84 45.75
C PHE A 34 1.85 -17.27 45.48
N LEU A 35 1.91 -16.31 44.55
CA LEU A 35 3.14 -15.60 44.23
C LEU A 35 2.91 -14.13 44.53
N THR A 36 3.74 -13.57 45.41
CA THR A 36 3.58 -12.19 45.85
C THR A 36 4.92 -11.47 45.81
N GLY A 37 4.84 -10.14 45.77
CA GLY A 37 6.02 -9.30 45.77
C GLY A 37 5.67 -7.87 45.41
N HIS A 38 6.59 -6.94 45.67
CA HIS A 38 6.37 -5.56 45.29
C HIS A 38 6.32 -5.41 43.77
N SER A 39 5.91 -4.23 43.32
CA SER A 39 5.84 -3.97 41.89
C SER A 39 7.24 -4.02 41.27
N GLY A 40 7.35 -4.70 40.13
CA GLY A 40 8.63 -4.85 39.48
C GLY A 40 9.50 -5.94 40.04
N ALA A 41 9.02 -6.75 40.98
CA ALA A 41 9.84 -7.80 41.56
C ALA A 41 10.18 -8.89 40.54
N GLY A 42 9.34 -9.06 39.52
CA GLY A 42 9.59 -10.06 38.50
C GLY A 42 8.61 -11.20 38.51
N LYS A 43 7.38 -10.94 38.99
CA LYS A 43 6.38 -12.00 39.07
C LYS A 43 5.95 -12.47 37.68
N SER A 44 5.68 -11.53 36.78
CA SER A 44 5.27 -11.92 35.42
C SER A 44 6.40 -12.60 34.67
N THR A 45 7.64 -12.20 34.91
CA THR A 45 8.78 -12.85 34.26
C THR A 45 8.88 -14.31 34.68
N LEU A 46 8.65 -14.59 35.97
CA LEU A 46 8.71 -15.96 36.46
C LEU A 46 7.66 -16.82 35.78
N LEU A 47 6.45 -16.30 35.61
CA LEU A 47 5.39 -17.07 34.95
C LEU A 47 5.68 -17.26 33.47
N LYS A 48 6.32 -16.29 32.82
CA LYS A 48 6.61 -16.42 31.40
C LYS A 48 7.68 -17.48 31.14
N LEU A 49 8.60 -17.67 32.09
CA LEU A 49 9.61 -18.71 31.93
C LEU A 49 8.98 -20.10 31.91
N ILE A 50 7.98 -20.33 32.77
CA ILE A 50 7.29 -21.61 32.80
C ILE A 50 6.57 -21.86 31.48
N CYS A 51 5.90 -20.83 30.96
CA CYS A 51 5.14 -20.97 29.72
C CYS A 51 6.01 -21.12 28.49
N GLY A 52 7.32 -20.93 28.62
CA GLY A 52 8.19 -20.98 27.47
C GLY A 52 8.27 -19.70 26.66
N ILE A 53 7.59 -18.64 27.10
CA ILE A 53 7.63 -17.38 26.37
C ILE A 53 9.03 -16.77 26.44
N GLU A 54 9.68 -16.87 27.58
CA GLU A 54 11.04 -16.37 27.77
C GLU A 54 11.98 -17.52 28.04
N ARG A 55 13.23 -17.38 27.58
CA ARG A 55 14.25 -18.37 27.80
C ARG A 55 15.25 -17.89 28.84
N PRO A 56 15.49 -18.66 29.90
CA PRO A 56 16.38 -18.19 30.96
C PRO A 56 17.82 -18.04 30.49
N SER A 57 18.52 -17.08 31.09
CA SER A 57 19.94 -16.90 30.80
C SER A 57 20.81 -17.91 31.50
N ALA A 58 20.31 -18.58 32.54
CA ALA A 58 21.07 -19.57 33.27
C ALA A 58 20.10 -20.52 33.98
N GLY A 59 20.62 -21.65 34.41
CA GLY A 59 19.82 -22.64 35.11
C GLY A 59 18.98 -23.47 34.16
N LYS A 60 18.19 -24.37 34.76
CA LYS A 60 17.36 -25.30 34.02
C LYS A 60 15.94 -25.26 34.57
N ILE A 61 14.98 -25.54 33.69
CA ILE A 61 13.57 -25.57 34.03
C ILE A 61 12.99 -26.91 33.59
N TRP A 62 12.31 -27.60 34.50
CA TRP A 62 11.68 -28.88 34.21
C TRP A 62 10.17 -28.72 34.29
N PHE A 63 9.48 -29.16 33.25
CA PHE A 63 8.02 -29.14 33.19
C PHE A 63 7.53 -30.57 32.99
N SER A 64 6.90 -31.14 34.02
CA SER A 64 6.40 -32.51 33.97
C SER A 64 7.51 -33.50 33.61
N GLY A 65 8.70 -33.27 34.16
CA GLY A 65 9.82 -34.15 33.93
C GLY A 65 10.57 -33.94 32.64
N HIS A 66 10.16 -32.96 31.83
CA HIS A 66 10.82 -32.68 30.56
C HIS A 66 11.62 -31.39 30.67
N ASP A 67 12.88 -31.44 30.28
CA ASP A 67 13.73 -30.25 30.30
C ASP A 67 13.35 -29.33 29.15
N ILE A 68 12.97 -28.10 29.48
CA ILE A 68 12.50 -27.14 28.48
C ILE A 68 13.36 -25.88 28.47
N THR A 69 14.58 -25.95 29.01
CA THR A 69 15.42 -24.77 29.07
C THR A 69 15.92 -24.34 27.70
N ARG A 70 16.02 -25.28 26.76
CA ARG A 70 16.52 -24.99 25.41
C ARG A 70 15.62 -25.66 24.37
N LEU A 71 14.31 -25.52 24.54
CA LEU A 71 13.37 -26.09 23.59
C LEU A 71 13.49 -25.42 22.23
N LYS A 72 13.46 -26.23 21.18
CA LYS A 72 13.45 -25.69 19.83
C LYS A 72 12.09 -25.09 19.50
N ASN A 73 12.09 -24.14 18.56
CA ASN A 73 10.88 -23.38 18.27
C ASN A 73 9.75 -24.26 17.73
N ARG A 74 10.09 -25.45 17.21
CA ARG A 74 9.05 -26.33 16.70
C ARG A 74 8.22 -26.96 17.81
N GLU A 75 8.84 -27.26 18.95
CA GLU A 75 8.16 -27.95 20.03
C GLU A 75 7.40 -27.02 20.97
N VAL A 76 7.60 -25.71 20.85
CA VAL A 76 6.95 -24.78 21.77
C VAL A 76 5.43 -24.86 21.71
N PRO A 77 4.77 -24.91 20.54
CA PRO A 77 3.30 -24.95 20.54
C PRO A 77 2.70 -26.11 21.30
N PHE A 78 3.41 -27.22 21.43
CA PHE A 78 2.91 -28.37 22.17
C PHE A 78 3.20 -28.29 23.66
N LEU A 79 3.88 -27.24 24.11
CA LEU A 79 4.06 -27.00 25.53
C LEU A 79 3.01 -26.02 26.07
N ARG A 80 2.81 -24.91 25.37
CA ARG A 80 1.80 -23.94 25.78
C ARG A 80 0.40 -24.50 25.69
N ARG A 81 0.19 -25.56 24.90
CA ARG A 81 -1.12 -26.19 24.81
C ARG A 81 -1.53 -26.87 26.11
N GLN A 82 -0.57 -27.19 26.97
CA GLN A 82 -0.86 -27.84 28.25
C GLN A 82 -0.93 -26.84 29.40
N ILE A 83 -0.84 -25.55 29.12
CA ILE A 83 -0.78 -24.52 30.15
C ILE A 83 -1.94 -23.56 29.93
N GLY A 84 -2.72 -23.33 30.98
CA GLY A 84 -3.75 -22.31 30.96
C GLY A 84 -3.23 -21.00 31.51
N MET A 85 -2.98 -20.03 30.64
CA MET A 85 -2.31 -18.80 31.02
C MET A 85 -3.30 -17.64 31.00
N ILE A 86 -3.32 -16.87 32.07
CA ILE A 86 -4.09 -15.63 32.16
C ILE A 86 -3.10 -14.48 32.19
N PHE A 87 -3.15 -13.61 31.18
CA PHE A 87 -2.20 -12.54 31.06
C PHE A 87 -2.66 -11.30 31.81
N GLN A 88 -1.75 -10.34 31.95
CA GLN A 88 -2.06 -9.10 32.65
C GLN A 88 -2.87 -8.15 31.77
N ASP A 89 -2.61 -8.15 30.46
CA ASP A 89 -3.27 -7.24 29.53
C ASP A 89 -4.47 -7.87 28.84
N HIS A 90 -4.81 -9.10 29.21
CA HIS A 90 -5.97 -9.86 28.74
C HIS A 90 -5.83 -10.32 27.29
N HIS A 91 -4.85 -9.78 26.57
CA HIS A 91 -4.43 -10.23 25.24
C HIS A 91 -5.56 -10.78 24.39
N LEU A 92 -6.60 -9.98 24.16
CA LEU A 92 -7.78 -10.45 23.45
C LEU A 92 -7.70 -10.09 21.96
N LEU A 93 -8.46 -10.84 21.17
CA LEU A 93 -8.62 -10.55 19.74
C LEU A 93 -9.76 -9.55 19.58
N MET A 94 -9.41 -8.29 19.30
CA MET A 94 -10.39 -7.22 19.34
C MET A 94 -11.39 -7.28 18.19
N ASP A 95 -11.07 -8.00 17.12
CA ASP A 95 -11.94 -8.07 15.94
C ASP A 95 -12.83 -9.31 15.94
N ARG A 96 -12.80 -10.11 16.99
CA ARG A 96 -13.62 -11.30 17.10
C ARG A 96 -14.57 -11.16 18.28
N THR A 97 -15.73 -11.78 18.17
CA THR A 97 -16.72 -11.72 19.24
C THR A 97 -16.18 -12.44 20.49
N VAL A 98 -16.88 -12.24 21.60
CA VAL A 98 -16.47 -12.87 22.86
C VAL A 98 -16.52 -14.39 22.73
N TYR A 99 -17.51 -14.91 22.01
CA TYR A 99 -17.60 -16.35 21.80
C TYR A 99 -16.39 -16.89 21.05
N ASP A 100 -15.91 -16.15 20.04
CA ASP A 100 -14.78 -16.62 19.27
C ASP A 100 -13.48 -16.52 20.05
N ASN A 101 -13.38 -15.59 21.00
CA ASN A 101 -12.17 -15.46 21.79
C ASN A 101 -11.99 -16.65 22.73
N VAL A 102 -13.09 -17.14 23.31
CA VAL A 102 -13.00 -18.26 24.24
C VAL A 102 -12.89 -19.60 23.51
N ALA A 103 -13.35 -19.68 22.27
CA ALA A 103 -13.36 -20.94 21.55
C ALA A 103 -12.08 -21.23 20.79
N ILE A 104 -11.16 -20.28 20.70
CA ILE A 104 -9.96 -20.46 19.88
C ILE A 104 -9.01 -21.52 20.46
N PRO A 105 -8.89 -21.73 21.78
CA PRO A 105 -8.08 -22.88 22.23
C PRO A 105 -8.65 -24.21 21.78
N LEU A 106 -9.97 -24.33 21.69
CA LEU A 106 -10.58 -25.59 21.26
C LEU A 106 -10.38 -25.83 19.77
N ILE A 107 -10.44 -24.77 18.97
CA ILE A 107 -10.24 -24.91 17.53
C ILE A 107 -8.83 -25.40 17.24
N ILE A 108 -7.84 -24.87 17.97
CA ILE A 108 -6.45 -25.30 17.77
C ILE A 108 -6.32 -26.78 18.08
N ALA A 109 -6.92 -27.23 19.19
CA ALA A 109 -6.91 -28.65 19.51
C ALA A 109 -7.70 -29.46 18.49
N GLY A 110 -8.75 -28.89 17.91
CA GLY A 110 -9.51 -29.56 16.88
C GLY A 110 -10.71 -30.32 17.39
N ALA A 111 -11.53 -29.65 18.21
CA ALA A 111 -12.74 -30.28 18.71
C ALA A 111 -13.87 -30.16 17.69
N SER A 112 -14.90 -30.97 17.90
CA SER A 112 -16.06 -30.95 17.01
C SER A 112 -16.91 -29.72 17.26
N GLY A 113 -17.75 -29.41 16.26
CA GLY A 113 -18.55 -28.19 16.36
C GLY A 113 -19.53 -28.19 17.52
N ASP A 114 -20.22 -29.31 17.72
CA ASP A 114 -21.18 -29.40 18.82
C ASP A 114 -20.49 -29.30 20.17
N ASP A 115 -19.33 -29.95 20.30
CA ASP A 115 -18.61 -29.93 21.58
C ASP A 115 -18.15 -28.53 21.94
N ILE A 116 -17.74 -27.74 20.94
CA ILE A 116 -17.28 -26.38 21.20
C ILE A 116 -18.41 -25.54 21.78
N ARG A 117 -19.61 -25.65 21.21
CA ARG A 117 -20.73 -24.84 21.69
C ARG A 117 -21.06 -25.13 23.14
N ARG A 118 -21.06 -26.41 23.53
CA ARG A 118 -21.41 -26.77 24.89
C ARG A 118 -20.34 -26.31 25.88
N ARG A 119 -19.07 -26.50 25.53
CA ARG A 119 -18.00 -26.20 26.49
C ARG A 119 -17.78 -24.70 26.65
N VAL A 120 -17.88 -23.94 25.56
CA VAL A 120 -17.66 -22.50 25.63
C VAL A 120 -18.75 -21.85 26.47
N SER A 121 -20.00 -22.25 26.26
CA SER A 121 -21.10 -21.67 27.03
C SER A 121 -20.98 -22.02 28.51
N ALA A 122 -20.52 -23.23 28.81
CA ALA A 122 -20.31 -23.62 30.20
C ALA A 122 -19.23 -22.78 30.86
N ALA A 123 -18.15 -22.48 30.13
CA ALA A 123 -17.07 -21.69 30.70
C ALA A 123 -17.52 -20.26 30.95
N LEU A 124 -18.24 -19.65 30.01
CA LEU A 124 -18.70 -18.29 30.21
C LEU A 124 -19.69 -18.18 31.37
N ASP A 125 -20.39 -19.28 31.67
CA ASP A 125 -21.30 -19.27 32.80
C ASP A 125 -20.54 -19.17 34.13
N LYS A 126 -19.37 -19.83 34.20
CA LYS A 126 -18.60 -19.81 35.44
C LYS A 126 -18.09 -18.42 35.79
N VAL A 127 -17.98 -17.53 34.81
CA VAL A 127 -17.53 -16.16 35.05
C VAL A 127 -18.65 -15.15 34.91
N GLY A 128 -19.86 -15.58 34.59
CA GLY A 128 -21.00 -14.68 34.52
C GLY A 128 -21.05 -13.78 33.30
N LEU A 129 -20.53 -14.24 32.17
CA LEU A 129 -20.56 -13.47 30.93
C LEU A 129 -21.36 -14.19 29.85
N LEU A 130 -22.32 -15.01 30.24
CA LEU A 130 -23.04 -15.85 29.28
C LEU A 130 -23.84 -15.00 28.28
N ASP A 131 -24.49 -13.94 28.76
CA ASP A 131 -25.25 -13.08 27.87
C ASP A 131 -24.37 -12.17 27.02
N LYS A 132 -23.07 -12.12 27.30
CA LYS A 132 -22.13 -11.28 26.58
C LYS A 132 -21.48 -12.00 25.41
N ALA A 133 -22.07 -13.12 24.97
CA ALA A 133 -21.39 -13.98 24.00
C ALA A 133 -21.20 -13.32 22.64
N LYS A 134 -22.19 -12.57 22.18
CA LYS A 134 -22.15 -12.01 20.83
C LYS A 134 -21.53 -10.63 20.77
N ASN A 135 -21.14 -10.06 21.90
CA ASN A 135 -20.53 -8.74 21.90
C ASN A 135 -19.07 -8.83 21.47
N PHE A 136 -18.53 -7.68 21.09
CA PHE A 136 -17.11 -7.55 20.81
C PHE A 136 -16.38 -7.06 22.06
N PRO A 137 -15.09 -7.36 22.18
CA PRO A 137 -14.37 -6.97 23.41
C PRO A 137 -14.35 -5.48 23.67
N ILE A 138 -14.49 -4.64 22.63
CA ILE A 138 -14.56 -3.20 22.85
C ILE A 138 -15.86 -2.80 23.52
N GLN A 139 -16.87 -3.68 23.53
CA GLN A 139 -18.16 -3.38 24.11
C GLN A 139 -18.30 -3.93 25.54
N LEU A 140 -17.18 -4.05 26.25
CA LEU A 140 -17.17 -4.59 27.60
C LEU A 140 -16.36 -3.69 28.52
N SER A 141 -16.73 -3.69 29.79
CA SER A 141 -15.98 -2.94 30.78
C SER A 141 -14.65 -3.64 31.07
N GLY A 142 -13.80 -2.97 31.84
CA GLY A 142 -12.50 -3.54 32.17
C GLY A 142 -12.63 -4.83 32.97
N GLY A 143 -13.60 -4.90 33.87
CA GLY A 143 -13.80 -6.12 34.63
C GLY A 143 -14.29 -7.27 33.77
N GLU A 144 -15.18 -6.99 32.82
CA GLU A 144 -15.70 -8.05 31.96
C GLU A 144 -14.68 -8.50 30.93
N GLN A 145 -13.86 -7.59 30.41
CA GLN A 145 -12.78 -7.98 29.52
C GLN A 145 -11.79 -8.89 30.23
N GLN A 146 -11.51 -8.60 31.50
CA GLN A 146 -10.60 -9.43 32.28
C GLN A 146 -11.16 -10.84 32.46
N ARG A 147 -12.47 -10.95 32.70
CA ARG A 147 -13.07 -12.26 32.90
C ARG A 147 -13.13 -13.08 31.62
N VAL A 148 -13.11 -12.43 30.45
CA VAL A 148 -13.06 -13.18 29.19
C VAL A 148 -11.77 -13.97 29.10
N GLY A 149 -10.64 -13.35 29.45
CA GLY A 149 -9.38 -14.06 29.44
C GLY A 149 -9.34 -15.22 30.41
N ILE A 150 -10.00 -15.08 31.56
CA ILE A 150 -10.06 -16.18 32.51
C ILE A 150 -10.82 -17.36 31.93
N ALA A 151 -11.94 -17.08 31.26
CA ALA A 151 -12.73 -18.15 30.67
C ALA A 151 -11.96 -18.87 29.57
N ARG A 152 -11.17 -18.12 28.79
CA ARG A 152 -10.38 -18.71 27.73
C ARG A 152 -9.35 -19.70 28.26
N ALA A 153 -8.88 -19.49 29.49
CA ALA A 153 -7.81 -20.32 30.05
C ALA A 153 -8.32 -21.59 30.72
N VAL A 154 -9.63 -21.80 30.81
CA VAL A 154 -10.18 -22.94 31.52
C VAL A 154 -11.03 -23.84 30.64
N VAL A 155 -11.17 -23.53 29.35
CA VAL A 155 -11.95 -24.39 28.47
C VAL A 155 -11.21 -25.70 28.20
N ASN A 156 -9.89 -25.62 28.02
CA ASN A 156 -9.11 -26.75 27.54
C ASN A 156 -8.54 -27.63 28.66
N LYS A 157 -9.20 -27.65 29.82
CA LYS A 157 -8.83 -28.41 31.02
C LYS A 157 -7.32 -28.55 31.17
N PRO A 158 -6.60 -27.43 31.26
CA PRO A 158 -5.14 -27.49 31.22
C PRO A 158 -4.56 -28.18 32.46
N ALA A 159 -3.36 -28.73 32.29
CA ALA A 159 -2.68 -29.40 33.39
C ALA A 159 -2.12 -28.41 34.40
N VAL A 160 -1.71 -27.23 33.96
CA VAL A 160 -1.12 -26.21 34.83
C VAL A 160 -1.81 -24.89 34.54
N LEU A 161 -2.20 -24.19 35.59
CA LEU A 161 -2.81 -22.87 35.48
C LEU A 161 -1.84 -21.81 35.99
N LEU A 162 -1.55 -20.83 35.15
CA LEU A 162 -0.70 -19.70 35.51
C LEU A 162 -1.53 -18.42 35.41
N ALA A 163 -1.77 -17.79 36.56
CA ALA A 163 -2.61 -16.60 36.64
C ALA A 163 -1.73 -15.40 36.97
N ASP A 164 -1.78 -14.39 36.11
CA ASP A 164 -1.02 -13.15 36.28
C ASP A 164 -1.98 -12.07 36.73
N GLN A 165 -2.19 -11.97 38.05
CA GLN A 165 -3.07 -10.99 38.66
C GLN A 165 -4.47 -11.11 38.09
N PRO A 166 -5.17 -12.23 38.36
CA PRO A 166 -6.50 -12.41 37.76
C PRO A 166 -7.60 -11.59 38.39
N THR A 167 -7.32 -10.86 39.46
CA THR A 167 -8.33 -10.03 40.12
C THR A 167 -7.84 -8.61 40.33
N GLY A 168 -7.06 -8.08 39.39
CA GLY A 168 -6.68 -6.67 39.48
C GLY A 168 -7.88 -5.76 39.40
N ASN A 169 -8.76 -6.00 38.44
CA ASN A 169 -10.09 -5.42 38.41
C ASN A 169 -11.02 -6.30 39.26
N LEU A 170 -12.33 -6.12 39.11
CA LEU A 170 -13.34 -6.90 39.82
C LEU A 170 -13.40 -6.53 41.30
N ASP A 171 -14.61 -6.49 41.86
CA ASP A 171 -14.79 -6.12 43.25
C ASP A 171 -14.37 -7.27 44.17
N ASP A 172 -14.46 -7.03 45.48
CA ASP A 172 -14.09 -8.05 46.45
C ASP A 172 -15.01 -9.27 46.35
N ALA A 173 -16.31 -9.04 46.19
CA ALA A 173 -17.24 -10.17 46.11
C ALA A 173 -16.98 -11.03 44.89
N LEU A 174 -16.71 -10.41 43.74
CA LEU A 174 -16.43 -11.18 42.54
C LEU A 174 -15.05 -11.81 42.57
N SER A 175 -14.10 -11.20 43.29
CA SER A 175 -12.76 -11.77 43.40
C SER A 175 -12.79 -13.11 44.13
N GLU A 176 -13.61 -13.21 45.18
CA GLU A 176 -13.74 -14.49 45.88
C GLU A 176 -14.33 -15.56 44.97
N GLY A 177 -15.29 -15.18 44.12
CA GLY A 177 -15.86 -16.14 43.20
C GLY A 177 -14.84 -16.72 42.24
N ILE A 178 -13.94 -15.88 41.74
CA ILE A 178 -12.90 -16.37 40.85
C ILE A 178 -11.94 -17.28 41.61
N LEU A 179 -11.58 -16.91 42.84
CA LEU A 179 -10.68 -17.73 43.64
C LEU A 179 -11.29 -19.11 43.90
N ARG A 180 -12.59 -19.16 44.21
CA ARG A 180 -13.24 -20.45 44.39
C ARG A 180 -13.24 -21.27 43.10
N LEU A 181 -13.29 -20.61 41.95
CA LEU A 181 -13.24 -21.32 40.68
C LEU A 181 -11.92 -22.04 40.51
N PHE A 182 -10.80 -21.39 40.86
CA PHE A 182 -9.50 -22.04 40.78
C PHE A 182 -9.41 -23.22 41.74
N GLU A 183 -9.96 -23.06 42.96
CA GLU A 183 -9.93 -24.16 43.93
C GLU A 183 -10.69 -25.38 43.42
N GLU A 184 -11.73 -25.17 42.62
CA GLU A 184 -12.46 -26.30 42.03
C GLU A 184 -11.55 -27.08 41.09
N PHE A 185 -10.77 -26.38 40.27
CA PHE A 185 -9.85 -27.06 39.37
C PHE A 185 -8.72 -27.74 40.15
N ASN A 186 -8.28 -27.14 41.25
CA ASN A 186 -7.20 -27.73 42.04
C ASN A 186 -7.61 -29.07 42.63
N ARG A 187 -8.88 -29.19 43.06
CA ARG A 187 -9.35 -30.44 43.63
C ARG A 187 -9.31 -31.57 42.60
N VAL A 188 -9.48 -31.25 41.32
CA VAL A 188 -9.36 -32.26 40.28
C VAL A 188 -7.92 -32.74 40.18
N GLY A 189 -6.96 -31.84 40.38
CA GLY A 189 -5.56 -32.20 40.31
C GLY A 189 -4.73 -31.27 39.46
N VAL A 190 -5.31 -30.12 39.10
CA VAL A 190 -4.62 -29.14 38.28
C VAL A 190 -3.71 -28.31 39.17
N THR A 191 -2.44 -28.20 38.79
CA THR A 191 -1.51 -27.35 39.52
C THR A 191 -1.83 -25.88 39.22
N VAL A 192 -1.96 -25.08 40.28
CA VAL A 192 -2.34 -23.68 40.16
C VAL A 192 -1.24 -22.83 40.79
N LEU A 193 -0.73 -21.88 40.01
CA LEU A 193 0.24 -20.90 40.48
C LEU A 193 -0.28 -19.53 40.08
N MET A 194 -0.69 -18.72 41.05
CA MET A 194 -1.33 -17.44 40.80
C MET A 194 -0.55 -16.34 41.51
N ALA A 195 -0.23 -15.28 40.77
CA ALA A 195 0.44 -14.11 41.30
C ALA A 195 -0.59 -13.02 41.55
N THR A 196 -0.54 -12.40 42.74
CA THR A 196 -1.56 -11.43 43.11
C THR A 196 -0.97 -10.41 44.07
N HIS A 197 -1.65 -9.26 44.16
CA HIS A 197 -1.32 -8.22 45.13
C HIS A 197 -2.33 -8.14 46.26
N ASP A 198 -3.45 -8.83 46.15
CA ASP A 198 -4.54 -8.74 47.14
C ASP A 198 -4.12 -9.53 48.38
N ILE A 199 -3.57 -8.82 49.37
CA ILE A 199 -3.21 -9.48 50.61
C ILE A 199 -4.46 -9.89 51.39
N ASN A 200 -5.56 -9.15 51.22
CA ASN A 200 -6.81 -9.52 51.88
C ASN A 200 -7.31 -10.88 51.41
N LEU A 201 -7.21 -11.15 50.10
CA LEU A 201 -7.63 -12.43 49.58
C LEU A 201 -6.78 -13.57 50.13
N ILE A 202 -5.47 -13.35 50.25
CA ILE A 202 -4.57 -14.39 50.74
C ILE A 202 -4.87 -14.70 52.21
N SER A 203 -5.21 -13.69 52.99
CA SER A 203 -5.42 -13.87 54.43
C SER A 203 -6.56 -14.83 54.73
N ARG A 204 -7.48 -15.04 53.79
CA ARG A 204 -8.60 -15.94 53.98
C ARG A 204 -8.30 -17.37 53.54
N ARG A 205 -7.06 -17.65 53.15
CA ARG A 205 -6.66 -19.00 52.74
C ARG A 205 -5.39 -19.38 53.49
N SER A 206 -4.93 -20.62 53.29
CA SER A 206 -3.73 -21.11 53.95
C SER A 206 -2.83 -21.86 52.98
N TYR A 207 -2.77 -21.42 51.74
CA TYR A 207 -1.97 -22.09 50.73
C TYR A 207 -0.51 -21.69 50.85
N ARG A 208 0.35 -22.42 50.14
CA ARG A 208 1.76 -22.07 50.05
C ARG A 208 1.91 -20.67 49.47
N MET A 209 2.82 -19.89 50.06
CA MET A 209 2.99 -18.49 49.69
C MET A 209 4.45 -18.25 49.34
N LEU A 210 4.70 -17.75 48.13
CA LEU A 210 6.04 -17.48 47.64
C LEU A 210 6.23 -15.97 47.54
N THR A 211 7.27 -15.46 48.20
CA THR A 211 7.59 -14.04 48.18
C THR A 211 8.75 -13.80 47.22
N LEU A 212 8.55 -12.86 46.29
CA LEU A 212 9.60 -12.44 45.38
C LEU A 212 9.98 -11.00 45.70
N SER A 213 11.27 -10.78 45.96
CA SER A 213 11.73 -9.46 46.37
C SER A 213 13.00 -9.12 45.60
N ASP A 214 12.89 -8.14 44.70
CA ASP A 214 14.03 -7.65 43.91
C ASP A 214 14.70 -8.77 43.14
N GLY A 215 13.93 -9.73 42.63
CA GLY A 215 14.46 -10.81 41.85
C GLY A 215 15.00 -11.98 42.64
N HIS A 216 14.85 -11.99 43.96
CA HIS A 216 15.30 -13.09 44.80
C HIS A 216 14.09 -13.78 45.40
N LEU A 217 14.00 -15.10 45.21
CA LEU A 217 12.85 -15.88 45.62
C LEU A 217 13.02 -16.39 47.04
N HIS A 218 11.97 -16.29 47.83
CA HIS A 218 11.92 -16.86 49.17
C HIS A 218 10.79 -17.88 49.20
N GLY A 219 11.07 -19.06 49.74
CA GLY A 219 10.13 -20.16 49.71
C GLY A 219 8.99 -20.08 50.71
N GLY A 220 9.00 -19.08 51.60
CA GLY A 220 7.95 -18.95 52.58
C GLY A 220 8.12 -19.87 53.76
N VAL A 221 7.19 -20.82 53.93
CA VAL A 221 7.30 -21.79 55.03
C VAL A 221 8.51 -22.68 54.84
N GLY A 222 8.84 -23.04 53.61
CA GLY A 222 10.00 -23.87 53.35
C GLY A 222 10.17 -24.09 51.87
N HIS A 223 11.39 -24.46 51.50
CA HIS A 223 11.74 -24.72 50.11
C HIS A 223 11.34 -26.12 49.65
N GLU A 224 10.82 -26.95 50.56
CA GLU A 224 10.39 -28.30 50.20
C GLU A 224 9.18 -28.26 49.27
N SER B 1 -13.87 28.15 39.06
CA SER B 1 -14.41 27.05 39.86
C SER B 1 -13.97 25.70 39.32
N GLY B 2 -14.19 24.65 40.10
CA GLY B 2 -13.87 23.30 39.68
C GLY B 2 -14.95 22.31 40.05
N SER B 3 -16.19 22.78 40.10
CA SER B 3 -17.31 21.97 40.55
C SER B 3 -17.86 21.12 39.41
N ILE B 4 -18.53 20.03 39.78
CA ILE B 4 -19.20 19.13 38.84
C ILE B 4 -20.63 18.93 39.33
N ARG B 5 -21.59 18.95 38.41
CA ARG B 5 -22.99 18.81 38.76
C ARG B 5 -23.70 17.92 37.74
N PHE B 6 -24.50 16.98 38.25
CA PHE B 6 -25.30 16.08 37.43
C PHE B 6 -26.77 16.26 37.79
N GLU B 7 -27.63 16.30 36.76
CA GLU B 7 -29.07 16.40 36.96
C GLU B 7 -29.76 15.40 36.04
N HIS B 8 -30.21 14.28 36.60
CA HIS B 8 -30.98 13.27 35.88
C HIS B 8 -30.24 12.81 34.63
N VAL B 9 -28.94 12.59 34.76
CA VAL B 9 -28.13 12.13 33.63
C VAL B 9 -28.37 10.66 33.41
N SER B 10 -28.61 10.27 32.16
CA SER B 10 -28.80 8.89 31.78
C SER B 10 -28.07 8.63 30.48
N LYS B 11 -27.28 7.55 30.44
CA LYS B 11 -26.49 7.20 29.28
C LYS B 11 -26.83 5.79 28.83
N ALA B 12 -27.08 5.63 27.53
CA ALA B 12 -27.36 4.33 26.94
C ALA B 12 -26.48 4.17 25.71
N TYR B 13 -25.67 3.12 25.68
CA TYR B 13 -24.76 2.93 24.55
C TYR B 13 -25.54 2.49 23.31
N LEU B 14 -24.95 2.77 22.15
CA LEU B 14 -25.61 2.53 20.87
C LEU B 14 -25.98 1.07 20.71
N GLY B 15 -27.27 0.78 20.70
CA GLY B 15 -27.74 -0.60 20.58
C GLY B 15 -27.32 -1.49 21.73
N GLY B 16 -26.94 -0.91 22.86
CA GLY B 16 -26.45 -1.70 23.97
C GLY B 16 -27.23 -1.54 25.26
N ARG B 17 -26.58 -1.83 26.38
CA ARG B 17 -27.20 -1.78 27.69
C ARG B 17 -27.36 -0.34 28.17
N GLN B 18 -28.19 -0.17 29.19
CA GLN B 18 -28.41 1.14 29.80
C GLN B 18 -27.39 1.30 30.92
N ALA B 19 -26.34 2.10 30.67
CA ALA B 19 -25.24 2.19 31.62
C ALA B 19 -25.64 2.95 32.88
N LEU B 20 -26.38 4.05 32.73
CA LEU B 20 -26.75 4.88 33.86
C LEU B 20 -28.23 5.26 33.77
N GLN B 21 -28.83 5.53 34.93
CA GLN B 21 -30.25 5.90 35.01
C GLN B 21 -30.43 6.96 36.09
N GLY B 22 -30.73 8.18 35.66
CA GLY B 22 -31.09 9.24 36.61
C GLY B 22 -30.03 9.57 37.62
N VAL B 23 -28.77 9.68 37.19
CA VAL B 23 -27.69 10.04 38.11
C VAL B 23 -27.81 11.52 38.44
N THR B 24 -27.82 11.84 39.73
CA THR B 24 -27.95 13.22 40.19
C THR B 24 -27.04 13.42 41.38
N PHE B 25 -26.03 14.27 41.21
CA PHE B 25 -25.11 14.60 42.29
C PHE B 25 -24.36 15.87 41.91
N HIS B 26 -23.75 16.49 42.90
CA HIS B 26 -22.92 17.66 42.66
C HIS B 26 -21.77 17.66 43.66
N MET B 27 -20.64 18.23 43.25
CA MET B 27 -19.42 18.21 44.04
C MET B 27 -18.88 19.61 44.19
N GLN B 28 -18.64 20.02 45.44
CA GLN B 28 -18.02 21.31 45.69
C GLN B 28 -16.58 21.31 45.18
N PRO B 29 -16.07 22.47 44.75
CA PRO B 29 -14.68 22.54 44.31
C PRO B 29 -13.73 22.15 45.43
N GLY B 30 -12.70 21.38 45.08
CA GLY B 30 -11.71 20.93 46.04
C GLY B 30 -12.12 19.77 46.90
N GLU B 31 -13.30 19.19 46.68
CA GLU B 31 -13.75 18.07 47.49
C GLU B 31 -13.31 16.75 46.87
N MET B 32 -12.87 15.83 47.72
CA MET B 32 -12.40 14.51 47.31
C MET B 32 -13.45 13.47 47.69
N ALA B 33 -13.74 12.57 46.76
CA ALA B 33 -14.76 11.55 46.98
C ALA B 33 -14.33 10.26 46.30
N PHE B 34 -14.89 9.16 46.78
CA PHE B 34 -14.62 7.83 46.25
C PHE B 34 -15.83 7.31 45.50
N LEU B 35 -15.59 6.66 44.36
CA LEU B 35 -16.64 6.02 43.58
C LEU B 35 -16.43 4.51 43.61
N THR B 36 -17.47 3.78 44.01
CA THR B 36 -17.38 2.34 44.15
C THR B 36 -18.56 1.68 43.47
N GLY B 37 -18.53 0.36 43.42
CA GLY B 37 -19.60 -0.41 42.82
C GLY B 37 -19.09 -1.73 42.32
N HIS B 38 -20.03 -2.63 42.07
CA HIS B 38 -19.68 -3.93 41.50
C HIS B 38 -19.23 -3.76 40.06
N SER B 39 -18.56 -4.79 39.55
CA SER B 39 -18.06 -4.75 38.17
C SER B 39 -19.21 -4.59 37.20
N GLY B 40 -19.04 -3.67 36.25
CA GLY B 40 -20.09 -3.38 35.29
C GLY B 40 -21.16 -2.42 35.76
N ALA B 41 -20.97 -1.79 36.92
CA ALA B 41 -21.98 -0.85 37.42
C ALA B 41 -22.06 0.40 36.56
N GLY B 42 -20.93 0.87 36.04
CA GLY B 42 -20.93 2.06 35.21
C GLY B 42 -20.01 3.15 35.72
N LYS B 43 -19.01 2.76 36.52
CA LYS B 43 -18.09 3.75 37.08
C LYS B 43 -17.28 4.45 36.00
N SER B 44 -16.76 3.68 35.03
CA SER B 44 -15.99 4.29 33.95
C SER B 44 -16.86 5.16 33.06
N THR B 45 -18.11 4.76 32.84
CA THR B 45 -19.01 5.58 32.03
C THR B 45 -19.27 6.93 32.70
N LEU B 46 -19.42 6.94 34.03
CA LEU B 46 -19.64 8.19 34.73
C LEU B 46 -18.43 9.11 34.59
N LEU B 47 -17.22 8.57 34.70
CA LEU B 47 -16.03 9.39 34.53
C LEU B 47 -15.90 9.89 33.10
N LYS B 48 -16.27 9.07 32.12
CA LYS B 48 -16.17 9.48 30.73
C LYS B 48 -17.13 10.61 30.40
N LEU B 49 -18.31 10.61 31.03
CA LEU B 49 -19.28 11.68 30.77
C LEU B 49 -18.74 13.03 31.23
N ILE B 50 -18.09 13.07 32.39
CA ILE B 50 -17.56 14.33 32.90
C ILE B 50 -16.47 14.88 31.97
N CYS B 51 -15.56 14.00 31.55
CA CYS B 51 -14.46 14.43 30.70
C CYS B 51 -14.92 14.85 29.30
N GLY B 52 -16.09 14.37 28.87
CA GLY B 52 -16.59 14.68 27.54
C GLY B 52 -16.35 13.60 26.51
N ILE B 53 -15.78 12.46 26.91
CA ILE B 53 -15.55 11.36 25.97
C ILE B 53 -16.88 10.79 25.50
N GLU B 54 -17.89 10.81 26.35
CA GLU B 54 -19.23 10.35 26.01
C GLU B 54 -20.24 11.45 26.31
N ARG B 55 -21.32 11.46 25.54
CA ARG B 55 -22.36 12.45 25.75
C ARG B 55 -23.64 11.80 26.27
N PRO B 56 -24.27 12.39 27.29
CA PRO B 56 -25.43 11.75 27.90
C PRO B 56 -26.62 11.68 26.95
N SER B 57 -27.43 10.64 27.13
CA SER B 57 -28.67 10.51 26.38
C SER B 57 -29.79 11.37 26.96
N ALA B 58 -29.67 11.78 28.22
CA ALA B 58 -30.65 12.63 28.86
C ALA B 58 -29.99 13.36 30.01
N GLY B 59 -30.66 14.42 30.48
CA GLY B 59 -30.14 15.20 31.58
C GLY B 59 -29.10 16.20 31.14
N LYS B 60 -28.60 16.96 32.12
CA LYS B 60 -27.64 18.02 31.89
C LYS B 60 -26.42 17.83 32.79
N ILE B 61 -25.26 18.24 32.28
CA ILE B 61 -24.00 18.15 33.01
C ILE B 61 -23.37 19.52 33.04
N TRP B 62 -22.94 19.95 34.22
CA TRP B 62 -22.28 21.23 34.41
C TRP B 62 -20.85 21.02 34.88
N PHE B 63 -19.91 21.70 34.22
CA PHE B 63 -18.51 21.67 34.59
C PHE B 63 -18.04 23.09 34.86
N SER B 64 -17.72 23.39 36.12
CA SER B 64 -17.29 24.72 36.53
C SER B 64 -18.31 25.79 36.18
N GLY B 65 -19.59 25.42 36.18
CA GLY B 65 -20.66 26.32 35.84
C GLY B 65 -21.05 26.35 34.38
N HIS B 66 -20.19 25.84 33.50
CA HIS B 66 -20.51 25.80 32.08
C HIS B 66 -21.34 24.56 31.76
N ASP B 67 -22.30 24.71 30.85
CA ASP B 67 -23.11 23.59 30.41
C ASP B 67 -22.39 22.86 29.28
N ILE B 68 -21.95 21.64 29.55
CA ILE B 68 -21.22 20.84 28.57
C ILE B 68 -22.06 19.68 28.05
N THR B 69 -23.39 19.79 28.17
CA THR B 69 -24.27 18.71 27.73
C THR B 69 -24.11 18.46 26.23
N ARG B 70 -24.11 19.54 25.45
CA ARG B 70 -23.95 19.47 24.00
C ARG B 70 -22.85 20.46 23.62
N LEU B 71 -21.60 20.01 23.65
CA LEU B 71 -20.47 20.85 23.30
C LEU B 71 -20.09 20.64 21.84
N LYS B 72 -19.80 21.74 21.16
CA LYS B 72 -19.31 21.65 19.79
C LYS B 72 -17.94 20.96 19.77
N ASN B 73 -17.68 20.24 18.69
CA ASN B 73 -16.43 19.49 18.59
C ASN B 73 -15.21 20.40 18.67
N ARG B 74 -15.38 21.68 18.33
CA ARG B 74 -14.28 22.62 18.43
C ARG B 74 -13.93 22.94 19.88
N GLU B 75 -14.94 22.99 20.76
CA GLU B 75 -14.74 23.38 22.14
C GLU B 75 -14.31 22.24 23.04
N VAL B 76 -14.42 21.00 22.59
CA VAL B 76 -14.08 19.85 23.44
C VAL B 76 -12.62 19.86 23.88
N PRO B 77 -11.63 20.08 23.00
CA PRO B 77 -10.23 20.01 23.44
C PRO B 77 -9.88 20.98 24.55
N PHE B 78 -10.61 22.10 24.68
CA PHE B 78 -10.36 23.04 25.75
C PHE B 78 -11.07 22.67 27.04
N LEU B 79 -11.88 21.61 27.03
CA LEU B 79 -12.47 21.07 28.25
C LEU B 79 -11.58 20.00 28.86
N ARG B 80 -11.14 19.04 28.05
CA ARG B 80 -10.26 17.98 28.53
C ARG B 80 -8.90 18.50 28.96
N ARG B 81 -8.52 19.70 28.50
CA ARG B 81 -7.24 20.28 28.89
C ARG B 81 -7.19 20.63 30.38
N GLN B 82 -8.34 20.78 31.02
CA GLN B 82 -8.42 21.12 32.44
C GLN B 82 -8.67 19.91 33.32
N ILE B 83 -8.64 18.71 32.75
CA ILE B 83 -8.99 17.49 33.48
C ILE B 83 -7.81 16.53 33.42
N GLY B 84 -7.38 16.05 34.58
CA GLY B 84 -6.39 15.00 34.64
C GLY B 84 -7.05 13.65 34.69
N MET B 85 -6.93 12.87 33.61
CA MET B 85 -7.65 11.62 33.47
C MET B 85 -6.69 10.44 33.49
N ILE B 86 -7.06 9.41 34.24
CA ILE B 86 -6.32 8.16 34.32
C ILE B 86 -7.25 7.04 33.87
N PHE B 87 -6.82 6.27 32.88
CA PHE B 87 -7.64 5.23 32.29
C PHE B 87 -7.29 3.85 32.85
N GLN B 88 -8.13 2.87 32.52
CA GLN B 88 -7.89 1.51 32.96
C GLN B 88 -6.78 0.83 32.17
N ASP B 89 -6.73 1.04 30.86
CA ASP B 89 -5.77 0.39 29.98
C ASP B 89 -4.51 1.22 29.76
N HIS B 90 -4.40 2.36 30.46
CA HIS B 90 -3.19 3.18 30.55
C HIS B 90 -2.90 3.96 29.28
N HIS B 91 -3.60 3.64 28.18
CA HIS B 91 -3.59 4.41 26.94
C HIS B 91 -2.26 5.08 26.61
N LEU B 92 -1.18 4.30 26.55
CA LEU B 92 0.13 4.88 26.33
C LEU B 92 0.47 4.91 24.84
N LEU B 93 1.44 5.75 24.50
CA LEU B 93 2.00 5.81 23.16
C LEU B 93 3.16 4.83 23.11
N MET B 94 2.90 3.63 22.58
CA MET B 94 3.88 2.54 22.65
C MET B 94 5.13 2.79 21.83
N ASP B 95 5.12 3.76 20.92
CA ASP B 95 6.26 4.04 20.07
C ASP B 95 7.08 5.23 20.56
N ARG B 96 6.78 5.76 21.74
CA ARG B 96 7.51 6.88 22.32
C ARG B 96 7.99 6.49 23.71
N THR B 97 9.11 7.09 24.11
CA THR B 97 9.71 6.76 25.40
C THR B 97 8.82 7.19 26.56
N VAL B 98 9.22 6.83 27.79
CA VAL B 98 8.46 7.25 28.96
C VAL B 98 8.47 8.76 29.10
N TYR B 99 9.62 9.38 28.82
CA TYR B 99 9.72 10.83 28.89
C TYR B 99 8.78 11.50 27.90
N ASP B 100 8.67 10.96 26.69
CA ASP B 100 7.79 11.55 25.68
C ASP B 100 6.33 11.40 26.07
N ASN B 101 5.97 10.27 26.68
CA ASN B 101 4.58 10.05 27.08
C ASN B 101 4.14 11.06 28.14
N VAL B 102 5.00 11.30 29.14
CA VAL B 102 4.63 12.20 30.22
C VAL B 102 4.65 13.66 29.76
N ALA B 103 5.50 14.00 28.80
CA ALA B 103 5.68 15.38 28.39
C ALA B 103 4.64 15.89 27.40
N ILE B 104 3.84 15.00 26.81
CA ILE B 104 2.93 15.44 25.74
C ILE B 104 1.88 16.46 26.21
N PRO B 105 1.27 16.35 27.39
CA PRO B 105 0.29 17.40 27.76
C PRO B 105 0.90 18.78 27.86
N LEU B 106 2.16 18.87 28.29
CA LEU B 106 2.84 20.16 28.35
C LEU B 106 3.07 20.72 26.96
N ILE B 107 3.45 19.86 26.01
CA ILE B 107 3.68 20.29 24.64
C ILE B 107 2.39 20.83 24.02
N ILE B 108 1.27 20.17 24.31
CA ILE B 108 -0.01 20.66 23.83
C ILE B 108 -0.29 22.05 24.38
N ALA B 109 0.00 22.27 25.66
CA ALA B 109 -0.10 23.59 26.24
C ALA B 109 1.00 24.53 25.77
N GLY B 110 1.99 24.03 25.04
CA GLY B 110 3.05 24.86 24.50
C GLY B 110 4.01 25.41 25.54
N ALA B 111 4.47 24.56 26.46
CA ALA B 111 5.44 24.97 27.44
C ALA B 111 6.83 25.07 26.82
N SER B 112 7.73 25.76 27.52
CA SER B 112 9.08 25.95 27.03
C SER B 112 9.90 24.67 27.20
N GLY B 113 11.03 24.64 26.48
CA GLY B 113 11.86 23.44 26.51
C GLY B 113 12.46 23.16 27.87
N ASP B 114 12.99 24.20 28.51
CA ASP B 114 13.60 24.03 29.82
C ASP B 114 12.57 23.64 30.88
N ASP B 115 11.38 24.26 30.83
CA ASP B 115 10.36 23.96 31.82
C ASP B 115 9.84 22.54 31.69
N ILE B 116 9.84 21.99 30.47
CA ILE B 116 9.40 20.60 30.28
C ILE B 116 10.33 19.65 31.01
N ARG B 117 11.64 19.87 30.91
CA ARG B 117 12.60 18.97 31.54
C ARG B 117 12.43 18.96 33.07
N ARG B 118 12.24 20.14 33.67
CA ARG B 118 12.13 20.21 35.12
C ARG B 118 10.83 19.58 35.61
N ARG B 119 9.72 19.87 34.94
CA ARG B 119 8.42 19.42 35.42
C ARG B 119 8.19 17.93 35.17
N VAL B 120 8.72 17.39 34.07
CA VAL B 120 8.54 15.98 33.78
C VAL B 120 9.31 15.13 34.79
N SER B 121 10.57 15.49 35.06
CA SER B 121 11.36 14.72 36.00
C SER B 121 10.78 14.77 37.40
N ALA B 122 10.23 15.93 37.80
CA ALA B 122 9.60 16.04 39.10
C ALA B 122 8.38 15.12 39.22
N ALA B 123 7.59 15.03 38.14
CA ALA B 123 6.43 14.16 38.17
C ALA B 123 6.82 12.69 38.26
N LEU B 124 7.84 12.28 37.49
CA LEU B 124 8.27 10.88 37.53
C LEU B 124 8.86 10.51 38.88
N ASP B 125 9.39 11.50 39.62
CA ASP B 125 9.91 11.22 40.95
C ASP B 125 8.79 10.89 41.92
N LYS B 126 7.63 11.54 41.77
CA LYS B 126 6.51 11.30 42.67
C LYS B 126 5.99 9.87 42.58
N VAL B 127 6.16 9.21 41.45
CA VAL B 127 5.73 7.82 41.27
C VAL B 127 6.89 6.86 41.24
N GLY B 128 8.13 7.34 41.38
CA GLY B 128 9.28 6.46 41.45
C GLY B 128 9.71 5.85 40.14
N LEU B 129 9.57 6.56 39.04
CA LEU B 129 9.98 6.08 37.72
C LEU B 129 11.03 6.98 37.09
N LEU B 130 11.88 7.59 37.93
CA LEU B 130 12.83 8.58 37.43
C LEU B 130 13.86 7.96 36.49
N ASP B 131 14.35 6.77 36.81
CA ASP B 131 15.37 6.12 35.99
C ASP B 131 14.78 5.38 34.79
N LYS B 132 13.45 5.35 34.65
CA LYS B 132 12.79 4.69 33.53
C LYS B 132 12.56 5.62 32.36
N ALA B 133 13.07 6.85 32.42
CA ALA B 133 12.70 7.87 31.44
C ALA B 133 13.11 7.48 30.02
N LYS B 134 14.27 6.86 29.87
CA LYS B 134 14.76 6.51 28.53
C LYS B 134 14.13 5.25 27.98
N ASN B 135 13.40 4.49 28.79
CA ASN B 135 12.85 3.22 28.35
C ASN B 135 11.58 3.44 27.52
N PHE B 136 11.20 2.40 26.79
CA PHE B 136 9.94 2.35 26.07
C PHE B 136 8.88 1.65 26.91
N PRO B 137 7.60 1.94 26.68
CA PRO B 137 6.55 1.33 27.51
C PRO B 137 6.51 -0.18 27.42
N ILE B 138 6.99 -0.76 26.32
CA ILE B 138 7.01 -2.21 26.19
C ILE B 138 8.04 -2.83 27.13
N GLN B 139 9.02 -2.06 27.59
CA GLN B 139 10.05 -2.54 28.51
C GLN B 139 9.72 -2.23 29.96
N LEU B 140 8.44 -2.18 30.31
CA LEU B 140 8.01 -1.88 31.66
C LEU B 140 7.03 -2.94 32.13
N SER B 141 7.01 -3.16 33.45
CA SER B 141 6.10 -4.12 34.03
C SER B 141 4.67 -3.57 34.01
N GLY B 142 3.74 -4.39 34.50
CA GLY B 142 2.34 -3.96 34.52
C GLY B 142 2.11 -2.78 35.43
N GLY B 143 2.67 -2.82 36.64
CA GLY B 143 2.52 -1.70 37.56
C GLY B 143 3.33 -0.48 37.19
N GLU B 144 4.43 -0.67 36.45
CA GLU B 144 5.21 0.49 36.01
C GLU B 144 4.49 1.24 34.90
N GLN B 145 3.84 0.52 33.99
CA GLN B 145 3.07 1.17 32.93
C GLN B 145 1.90 1.95 33.53
N GLN B 146 1.27 1.41 34.57
CA GLN B 146 0.16 2.10 35.21
C GLN B 146 0.61 3.41 35.85
N ARG B 147 1.79 3.43 36.45
CA ARG B 147 2.29 4.64 37.09
C ARG B 147 2.71 5.69 36.09
N VAL B 148 2.99 5.31 34.85
CA VAL B 148 3.27 6.31 33.81
C VAL B 148 2.03 7.14 33.54
N GLY B 149 0.86 6.51 33.48
CA GLY B 149 -0.37 7.24 33.26
C GLY B 149 -0.67 8.22 34.39
N ILE B 150 -0.38 7.82 35.63
CA ILE B 150 -0.59 8.72 36.77
C ILE B 150 0.32 9.94 36.65
N ALA B 151 1.57 9.72 36.27
CA ALA B 151 2.50 10.84 36.13
C ALA B 151 2.05 11.79 35.03
N ARG B 152 1.53 11.25 33.93
CA ARG B 152 1.08 12.09 32.83
C ARG B 152 -0.12 12.94 33.24
N ALA B 153 -0.93 12.47 34.17
CA ALA B 153 -2.15 13.18 34.54
C ALA B 153 -1.93 14.29 35.56
N VAL B 154 -0.71 14.45 36.08
CA VAL B 154 -0.44 15.42 37.14
C VAL B 154 0.62 16.43 36.76
N VAL B 155 1.15 16.39 35.54
CA VAL B 155 2.15 17.38 35.14
C VAL B 155 1.51 18.75 34.97
N ASN B 156 0.30 18.80 34.44
CA ASN B 156 -0.34 20.04 34.02
C ASN B 156 -1.20 20.67 35.11
N LYS B 157 -0.93 20.36 36.39
CA LYS B 157 -1.65 20.85 37.57
C LYS B 157 -3.14 21.06 37.29
N PRO B 158 -3.87 20.02 36.88
CA PRO B 158 -5.24 20.21 36.39
C PRO B 158 -6.18 20.61 37.52
N ALA B 159 -7.34 21.15 37.11
CA ALA B 159 -8.36 21.55 38.08
C ALA B 159 -9.11 20.36 38.66
N VAL B 160 -9.37 19.34 37.85
CA VAL B 160 -10.11 18.15 38.28
C VAL B 160 -9.30 16.91 37.94
N LEU B 161 -9.28 15.95 38.86
CA LEU B 161 -8.60 14.68 38.65
C LEU B 161 -9.63 13.56 38.63
N LEU B 162 -9.66 12.81 37.54
CA LEU B 162 -10.54 11.66 37.40
C LEU B 162 -9.69 10.40 37.28
N ALA B 163 -9.79 9.53 38.27
CA ALA B 163 -8.99 8.31 38.33
C ALA B 163 -9.89 7.10 38.18
N ASP B 164 -9.52 6.21 37.26
CA ASP B 164 -10.26 4.98 36.99
C ASP B 164 -9.40 3.80 37.42
N GLN B 165 -9.60 3.36 38.67
CA GLN B 165 -8.82 2.29 39.28
C GLN B 165 -7.33 2.56 39.13
N PRO B 166 -6.80 3.64 39.73
CA PRO B 166 -5.38 3.94 39.57
C PRO B 166 -4.46 2.97 40.29
N THR B 167 -4.98 2.14 41.19
CA THR B 167 -4.18 1.17 41.92
C THR B 167 -4.68 -0.26 41.70
N GLY B 168 -5.12 -0.57 40.48
CA GLY B 168 -5.47 -1.95 40.17
C GLY B 168 -4.28 -2.88 40.29
N ASN B 169 -3.16 -2.48 39.72
CA ASN B 169 -1.87 -3.11 39.97
C ASN B 169 -1.27 -2.46 41.22
N LEU B 170 0.03 -2.66 41.46
CA LEU B 170 0.76 -2.07 42.58
C LEU B 170 0.36 -2.71 43.90
N ASP B 171 1.34 -2.92 44.79
CA ASP B 171 1.08 -3.50 46.09
C ASP B 171 0.43 -2.48 47.01
N ASP B 172 0.01 -2.95 48.19
CA ASP B 172 -0.66 -2.07 49.14
C ASP B 172 0.26 -0.96 49.64
N ALA B 173 1.55 -1.29 49.85
CA ALA B 173 2.50 -0.27 50.29
C ALA B 173 2.65 0.83 49.25
N LEU B 174 2.73 0.46 47.98
CA LEU B 174 2.83 1.46 46.92
C LEU B 174 1.49 2.13 46.64
N SER B 175 0.38 1.40 46.82
CA SER B 175 -0.93 1.98 46.59
C SER B 175 -1.22 3.12 47.55
N GLU B 176 -0.84 2.96 48.82
CA GLU B 176 -1.06 4.02 49.80
C GLU B 176 -0.24 5.26 49.44
N GLY B 177 0.99 5.07 48.95
CA GLY B 177 1.77 6.20 48.51
C GLY B 177 1.13 6.95 47.36
N ILE B 178 0.52 6.22 46.43
CA ILE B 178 -0.20 6.87 45.33
C ILE B 178 -1.40 7.64 45.87
N LEU B 179 -2.11 7.08 46.85
CA LEU B 179 -3.25 7.78 47.44
C LEU B 179 -2.80 9.07 48.11
N ARG B 180 -1.67 9.03 48.83
CA ARG B 180 -1.16 10.25 49.45
C ARG B 180 -0.79 11.30 48.43
N LEU B 181 -0.41 10.88 47.22
CA LEU B 181 -0.13 11.84 46.16
C LEU B 181 -1.38 12.63 45.78
N PHE B 182 -2.52 11.96 45.72
CA PHE B 182 -3.78 12.65 45.48
C PHE B 182 -4.17 13.53 46.66
N GLU B 183 -3.78 13.13 47.88
CA GLU B 183 -4.12 13.91 49.06
C GLU B 183 -3.51 15.30 49.00
N GLU B 184 -2.23 15.39 48.64
CA GLU B 184 -1.56 16.69 48.62
C GLU B 184 -2.08 17.57 47.49
N PHE B 185 -2.49 16.97 46.37
CA PHE B 185 -3.14 17.74 45.31
C PHE B 185 -4.47 18.29 45.78
N ASN B 186 -5.21 17.50 46.57
CA ASN B 186 -6.49 17.96 47.08
C ASN B 186 -6.32 19.15 48.04
N ARG B 187 -5.24 19.14 48.83
CA ARG B 187 -4.99 20.24 49.74
C ARG B 187 -4.77 21.55 48.99
N VAL B 188 -4.19 21.49 47.79
CA VAL B 188 -4.02 22.69 46.99
C VAL B 188 -5.38 23.23 46.55
N GLY B 189 -6.34 22.36 46.28
CA GLY B 189 -7.66 22.77 45.87
C GLY B 189 -8.19 22.03 44.67
N VAL B 190 -7.48 20.98 44.26
CA VAL B 190 -7.88 20.17 43.12
C VAL B 190 -9.01 19.23 43.53
N THR B 191 -10.07 19.18 42.72
CA THR B 191 -11.16 18.25 42.95
C THR B 191 -10.77 16.87 42.46
N VAL B 192 -10.90 15.87 43.32
CA VAL B 192 -10.47 14.50 43.03
C VAL B 192 -11.68 13.58 43.11
N LEU B 193 -11.88 12.79 42.07
CA LEU B 193 -12.93 11.78 42.02
C LEU B 193 -12.28 10.45 41.66
N MET B 194 -12.27 9.52 42.60
CA MET B 194 -11.54 8.26 42.46
C MET B 194 -12.52 7.09 42.41
N ALA B 195 -12.33 6.22 41.43
CA ALA B 195 -13.09 4.98 41.32
C ALA B 195 -12.16 3.81 41.60
N THR B 196 -12.55 2.95 42.54
CA THR B 196 -11.66 1.87 42.95
C THR B 196 -12.48 0.73 43.54
N HIS B 197 -11.85 -0.43 43.63
CA HIS B 197 -12.41 -1.59 44.31
C HIS B 197 -11.69 -1.96 45.60
N ASP B 198 -10.63 -1.23 45.95
CA ASP B 198 -9.84 -1.56 47.14
C ASP B 198 -10.60 -1.15 48.39
N ILE B 199 -11.09 -2.13 49.14
CA ILE B 199 -11.82 -1.83 50.36
C ILE B 199 -10.89 -1.30 51.43
N ASN B 200 -9.67 -1.85 51.53
CA ASN B 200 -8.75 -1.44 52.58
C ASN B 200 -8.35 0.02 52.44
N LEU B 201 -8.12 0.48 51.21
CA LEU B 201 -7.75 1.88 51.00
C LEU B 201 -8.87 2.82 51.45
N ILE B 202 -10.12 2.48 51.13
CA ILE B 202 -11.25 3.32 51.51
C ILE B 202 -11.42 3.33 53.03
N SER B 203 -11.29 2.17 53.67
CA SER B 203 -11.54 2.07 55.09
C SER B 203 -10.55 2.89 55.92
N ARG B 204 -9.40 3.23 55.37
CA ARG B 204 -8.38 4.00 56.08
C ARG B 204 -8.55 5.50 55.92
N ARG B 205 -9.64 5.95 55.27
CA ARG B 205 -9.90 7.36 55.10
C ARG B 205 -11.34 7.64 55.52
N SER B 206 -11.76 8.90 55.38
CA SER B 206 -13.10 9.30 55.78
C SER B 206 -13.74 10.22 54.73
N TYR B 207 -13.46 9.99 53.46
CA TYR B 207 -13.98 10.84 52.40
C TYR B 207 -15.39 10.42 51.99
N ARG B 208 -16.00 11.25 51.15
CA ARG B 208 -17.32 10.95 50.63
C ARG B 208 -17.31 9.64 49.85
N MET B 209 -18.35 8.85 50.02
CA MET B 209 -18.45 7.51 49.46
C MET B 209 -19.62 7.46 48.50
N LEU B 210 -19.33 7.58 47.20
CA LEU B 210 -20.34 7.48 46.17
C LEU B 210 -20.46 6.04 45.70
N THR B 211 -21.61 5.43 45.95
CA THR B 211 -21.83 4.03 45.61
C THR B 211 -22.74 3.95 44.38
N LEU B 212 -22.30 3.18 43.38
CA LEU B 212 -23.04 3.00 42.15
C LEU B 212 -23.44 1.54 42.03
N SER B 213 -24.71 1.30 41.74
CA SER B 213 -25.24 -0.07 41.67
C SER B 213 -26.22 -0.16 40.51
N ASP B 214 -25.85 -0.97 39.51
CA ASP B 214 -26.70 -1.24 38.35
C ASP B 214 -27.12 0.04 37.64
N GLY B 215 -26.23 1.01 37.57
CA GLY B 215 -26.53 2.28 36.95
C GLY B 215 -27.27 3.27 37.81
N HIS B 216 -27.57 2.93 39.06
CA HIS B 216 -28.25 3.81 39.99
C HIS B 216 -27.27 4.28 41.05
N LEU B 217 -27.27 5.58 41.33
CA LEU B 217 -26.29 6.18 42.20
C LEU B 217 -26.89 6.45 43.58
N HIS B 218 -26.13 6.11 44.61
CA HIS B 218 -26.45 6.46 45.99
C HIS B 218 -25.45 7.50 46.47
N GLY B 219 -25.96 8.62 47.00
CA GLY B 219 -25.10 9.71 47.39
C GLY B 219 -24.20 9.43 48.57
N GLY B 220 -24.45 8.36 49.31
CA GLY B 220 -23.63 8.02 50.47
C GLY B 220 -24.23 8.56 51.75
N VAL B 221 -23.50 9.48 52.40
CA VAL B 221 -24.01 10.11 53.61
C VAL B 221 -25.24 10.96 53.30
N GLY B 222 -25.26 11.59 52.13
CA GLY B 222 -26.41 12.38 51.73
C GLY B 222 -26.17 13.00 50.38
N HIS B 223 -27.28 13.37 49.73
CA HIS B 223 -27.23 13.97 48.40
C HIS B 223 -26.76 15.42 48.45
N GLU B 224 -26.65 16.02 49.63
CA GLU B 224 -26.18 17.40 49.76
C GLU B 224 -24.70 17.49 49.45
N PHE C 46 -14.50 -29.87 1.63
CA PHE C 46 -13.31 -29.21 2.15
C PHE C 46 -13.10 -29.55 3.62
N ASN C 47 -11.83 -29.51 4.04
CA ASN C 47 -11.49 -29.83 5.43
C ASN C 47 -12.03 -28.77 6.38
N GLU C 48 -12.24 -29.18 7.63
CA GLU C 48 -12.77 -28.26 8.63
C GLU C 48 -11.82 -27.10 8.89
N GLN C 49 -10.51 -27.36 8.87
CA GLN C 49 -9.54 -26.29 9.06
C GLN C 49 -9.52 -25.33 7.87
N VAL C 50 -9.81 -25.83 6.68
CA VAL C 50 -9.84 -24.97 5.50
C VAL C 50 -11.03 -24.02 5.55
N ARG C 51 -12.20 -24.53 5.92
CA ARG C 51 -13.39 -23.69 5.97
C ARG C 51 -13.26 -22.60 7.02
N TYR C 52 -12.74 -22.94 8.20
CA TYR C 52 -12.57 -21.94 9.25
C TYR C 52 -11.58 -20.87 8.84
N ALA C 53 -10.45 -21.27 8.24
CA ALA C 53 -9.47 -20.29 7.79
C ALA C 53 -10.04 -19.41 6.68
N PHE C 54 -10.77 -20.01 5.73
CA PHE C 54 -11.36 -19.23 4.66
C PHE C 54 -12.43 -18.28 5.19
N HIS C 55 -13.26 -18.74 6.13
CA HIS C 55 -14.31 -17.88 6.68
C HIS C 55 -13.71 -16.72 7.46
N GLY C 56 -12.65 -16.97 8.23
CA GLY C 56 -12.02 -15.90 8.96
C GLY C 56 -11.34 -14.89 8.04
N ALA C 57 -10.69 -15.38 6.99
CA ALA C 57 -10.06 -14.47 6.03
C ALA C 57 -11.10 -13.64 5.30
N LEU C 58 -12.24 -14.26 4.95
CA LEU C 58 -13.27 -13.54 4.21
C LEU C 58 -13.97 -12.50 5.07
N GLN C 59 -14.12 -12.78 6.37
CA GLN C 59 -14.81 -11.82 7.25
C GLN C 59 -13.99 -10.56 7.46
N ASP C 60 -12.67 -10.66 7.41
CA ASP C 60 -11.82 -9.48 7.57
C ASP C 60 -12.04 -8.49 6.43
N LEU C 61 -12.13 -9.00 5.20
CA LEU C 61 -12.34 -8.10 4.06
C LEU C 61 -13.70 -7.42 4.14
N LYS C 62 -14.73 -8.15 4.57
CA LYS C 62 -16.07 -7.58 4.64
C LYS C 62 -16.21 -6.58 5.80
N SER C 63 -15.27 -6.56 6.74
CA SER C 63 -15.39 -5.67 7.89
C SER C 63 -15.29 -4.21 7.49
N LYS C 64 -14.32 -3.86 6.64
CA LYS C 64 -14.11 -2.49 6.20
C LYS C 64 -14.22 -2.48 4.68
N PRO C 65 -15.42 -2.23 4.14
CA PRO C 65 -15.60 -2.37 2.69
C PRO C 65 -14.79 -1.38 1.87
N PHE C 66 -14.83 -0.09 2.22
CA PHE C 66 -14.18 0.92 1.39
C PHE C 66 -12.66 0.74 1.39
N ALA C 67 -12.08 0.39 2.53
CA ALA C 67 -10.64 0.15 2.56
C ALA C 67 -10.25 -1.03 1.67
N THR C 68 -11.03 -2.11 1.73
CA THR C 68 -10.79 -3.24 0.82
C THR C 68 -11.00 -2.83 -0.62
N PHE C 69 -12.02 -2.01 -0.88
CA PHE C 69 -12.31 -1.57 -2.24
C PHE C 69 -11.16 -0.75 -2.82
N LEU C 70 -10.55 0.11 -2.00
CA LEU C 70 -9.43 0.91 -2.48
C LEU C 70 -8.24 0.03 -2.84
N THR C 71 -7.94 -0.97 -2.02
CA THR C 71 -6.82 -1.85 -2.30
C THR C 71 -7.04 -2.63 -3.58
N VAL C 72 -8.26 -3.12 -3.81
CA VAL C 72 -8.57 -3.83 -5.04
C VAL C 72 -8.44 -2.91 -6.24
N MET C 73 -8.94 -1.67 -6.13
CA MET C 73 -8.85 -0.73 -7.23
C MET C 73 -7.41 -0.41 -7.59
N VAL C 74 -6.53 -0.34 -6.58
CA VAL C 74 -5.12 -0.07 -6.85
C VAL C 74 -4.51 -1.22 -7.66
N ILE C 75 -4.81 -2.46 -7.29
CA ILE C 75 -4.27 -3.61 -8.01
C ILE C 75 -4.88 -3.69 -9.40
N ALA C 76 -6.18 -3.39 -9.52
CA ALA C 76 -6.85 -3.51 -10.81
C ALA C 76 -6.26 -2.55 -11.83
N ILE C 77 -5.95 -1.32 -11.42
CA ILE C 77 -5.37 -0.35 -12.35
C ILE C 77 -3.97 -0.77 -12.75
N SER C 78 -3.16 -1.21 -11.79
CA SER C 78 -1.79 -1.60 -12.07
C SER C 78 -1.70 -2.84 -12.95
N LEU C 79 -2.77 -3.62 -13.06
CA LEU C 79 -2.79 -4.77 -13.95
C LEU C 79 -3.41 -4.46 -15.30
N THR C 80 -4.34 -3.50 -15.35
CA THR C 80 -4.89 -3.08 -16.63
C THR C 80 -3.84 -2.42 -17.51
N LEU C 81 -2.87 -1.74 -16.89
CA LEU C 81 -1.86 -1.04 -17.67
C LEU C 81 -1.02 -1.97 -18.54
N PRO C 82 -0.47 -3.09 -18.04
CA PRO C 82 0.21 -4.02 -18.96
C PRO C 82 -0.74 -4.89 -19.76
N SER C 83 -1.97 -5.10 -19.29
CA SER C 83 -2.93 -5.87 -20.07
C SER C 83 -3.26 -5.18 -21.38
N VAL C 84 -3.47 -3.86 -21.35
CA VAL C 84 -3.75 -3.13 -22.58
C VAL C 84 -2.51 -3.06 -23.45
N CYS C 85 -1.35 -2.79 -22.86
CA CYS C 85 -0.12 -2.65 -23.63
C CYS C 85 0.28 -3.96 -24.29
N TYR C 86 -0.01 -5.10 -23.65
CA TYR C 86 0.21 -6.39 -24.32
C TYR C 86 -0.74 -6.55 -25.51
N MET C 87 -1.99 -6.13 -25.34
CA MET C 87 -2.95 -6.20 -26.44
C MET C 87 -2.56 -5.30 -27.59
N VAL C 88 -2.05 -4.10 -27.29
CA VAL C 88 -1.56 -3.21 -28.34
C VAL C 88 -0.42 -3.87 -29.09
N TYR C 89 0.52 -4.48 -28.37
CA TYR C 89 1.64 -5.16 -29.02
C TYR C 89 1.15 -6.33 -29.87
N LYS C 90 0.18 -7.09 -29.36
CA LYS C 90 -0.30 -8.27 -30.08
C LYS C 90 -0.96 -7.89 -31.40
N ASN C 91 -1.80 -6.86 -31.38
CA ASN C 91 -2.51 -6.47 -32.60
C ASN C 91 -1.57 -5.79 -33.60
N VAL C 92 -0.69 -4.90 -33.12
CA VAL C 92 0.24 -4.21 -34.00
C VAL C 92 1.18 -5.21 -34.67
N ASN C 93 1.66 -6.19 -33.91
CA ASN C 93 2.54 -7.21 -34.48
C ASN C 93 1.84 -7.98 -35.59
N GLN C 94 0.56 -8.30 -35.40
CA GLN C 94 -0.19 -8.98 -36.44
C GLN C 94 -0.40 -8.09 -37.66
N ALA C 95 -0.83 -6.85 -37.42
CA ALA C 95 -1.13 -5.94 -38.54
C ALA C 95 0.11 -5.64 -39.36
N ALA C 96 1.25 -5.41 -38.70
CA ALA C 96 2.48 -5.15 -39.43
C ALA C 96 2.89 -6.36 -40.27
N THR C 97 2.79 -7.56 -39.70
CA THR C 97 3.10 -8.76 -40.47
C THR C 97 2.13 -8.93 -41.64
N GLN C 98 0.84 -8.66 -41.42
CA GLN C 98 -0.16 -8.87 -42.45
C GLN C 98 -0.15 -7.79 -43.52
N TYR C 99 0.07 -6.53 -43.13
CA TYR C 99 -0.22 -5.40 -44.02
C TYR C 99 1.01 -4.64 -44.49
N TYR C 100 2.07 -4.55 -43.69
CA TYR C 100 3.20 -3.70 -44.05
C TYR C 100 3.93 -4.30 -45.26
N PRO C 101 4.08 -3.55 -46.35
CA PRO C 101 4.88 -4.02 -47.49
C PRO C 101 6.38 -3.91 -47.21
N SER C 102 6.90 -4.93 -46.52
CA SER C 102 8.31 -4.95 -46.17
C SER C 102 9.16 -5.02 -47.44
N PRO C 103 10.35 -4.43 -47.42
CA PRO C 103 11.19 -4.41 -48.62
C PRO C 103 11.57 -5.83 -49.06
N GLN C 104 11.70 -6.00 -50.37
CA GLN C 104 11.82 -7.32 -50.98
C GLN C 104 13.11 -7.39 -51.78
N ILE C 105 13.33 -8.55 -52.42
CA ILE C 105 14.52 -8.82 -53.20
C ILE C 105 14.16 -8.77 -54.68
N THR C 106 14.97 -8.07 -55.47
CA THR C 106 14.71 -7.86 -56.88
C THR C 106 15.76 -8.57 -57.71
N VAL C 107 15.30 -9.27 -58.76
CA VAL C 107 16.17 -9.98 -59.68
C VAL C 107 15.94 -9.42 -61.08
N TYR C 108 17.02 -9.03 -61.75
CA TYR C 108 16.97 -8.51 -63.11
C TYR C 108 17.52 -9.53 -64.08
N LEU C 109 16.77 -9.81 -65.14
CA LEU C 109 17.16 -10.79 -66.14
C LEU C 109 17.84 -10.11 -67.33
N GLN C 110 18.52 -10.93 -68.13
CA GLN C 110 19.18 -10.42 -69.33
C GLN C 110 18.13 -9.99 -70.36
N LYS C 111 18.45 -8.94 -71.11
CA LYS C 111 17.53 -8.39 -72.09
C LYS C 111 17.25 -9.33 -73.26
N THR C 112 18.12 -10.32 -73.50
CA THR C 112 17.93 -11.23 -74.62
C THR C 112 16.91 -12.32 -74.34
N LEU C 113 16.54 -12.54 -73.07
CA LEU C 113 15.55 -13.55 -72.73
C LEU C 113 14.14 -13.02 -72.95
N ASP C 114 13.20 -13.94 -73.10
CA ASP C 114 11.79 -13.63 -73.27
C ASP C 114 11.02 -14.11 -72.04
N ASP C 115 9.69 -13.99 -72.11
CA ASP C 115 8.84 -14.39 -71.00
C ASP C 115 8.98 -15.88 -70.71
N ASP C 116 9.02 -16.71 -71.75
CA ASP C 116 9.15 -18.15 -71.56
C ASP C 116 10.47 -18.50 -70.87
N ALA C 117 11.57 -17.88 -71.31
CA ALA C 117 12.85 -18.10 -70.65
C ALA C 117 12.88 -17.49 -69.25
N ALA C 118 12.20 -16.35 -69.06
CA ALA C 118 12.13 -15.74 -67.73
C ALA C 118 11.36 -16.63 -66.76
N ALA C 119 10.30 -17.28 -67.24
CA ALA C 119 9.54 -18.19 -66.38
C ALA C 119 10.40 -19.35 -65.90
N GLY C 120 11.30 -19.85 -66.74
CA GLY C 120 12.23 -20.87 -66.29
C GLY C 120 13.14 -20.37 -65.19
N VAL C 121 13.60 -19.12 -65.31
CA VAL C 121 14.37 -18.52 -64.23
C VAL C 121 13.51 -18.36 -62.97
N VAL C 122 12.25 -17.97 -63.16
CA VAL C 122 11.33 -17.88 -62.02
C VAL C 122 11.16 -19.25 -61.36
N ALA C 123 11.06 -20.31 -62.18
CA ALA C 123 10.95 -21.64 -61.63
C ALA C 123 12.17 -22.02 -60.82
N GLN C 124 13.37 -21.64 -61.30
CA GLN C 124 14.58 -21.88 -60.52
C GLN C 124 14.57 -21.06 -59.23
N LEU C 125 14.06 -19.84 -59.29
CA LEU C 125 13.97 -19.01 -58.08
C LEU C 125 13.03 -19.64 -57.05
N GLN C 126 11.91 -20.19 -57.51
CA GLN C 126 10.93 -20.77 -56.59
C GLN C 126 11.46 -21.99 -55.86
N ALA C 127 12.34 -22.78 -56.50
CA ALA C 127 12.83 -24.00 -55.89
C ALA C 127 13.95 -23.75 -54.87
N GLU C 128 14.44 -22.53 -54.75
CA GLU C 128 15.51 -22.23 -53.82
C GLU C 128 14.99 -22.22 -52.39
N GLN C 129 15.81 -22.72 -51.46
CA GLN C 129 15.46 -22.70 -50.06
C GLN C 129 15.42 -21.26 -49.54
N GLY C 130 14.49 -20.99 -48.64
CA GLY C 130 14.34 -19.65 -48.11
C GLY C 130 13.54 -18.69 -48.96
N VAL C 131 12.90 -19.18 -50.02
CA VAL C 131 12.10 -18.37 -50.92
C VAL C 131 10.64 -18.67 -50.65
N GLU C 132 9.86 -17.62 -50.34
CA GLU C 132 8.44 -17.80 -50.10
C GLU C 132 7.67 -17.91 -51.41
N LYS C 133 7.74 -16.88 -52.25
CA LYS C 133 7.11 -16.92 -53.57
C LYS C 133 7.87 -15.96 -54.48
N VAL C 134 7.73 -16.18 -55.78
CA VAL C 134 8.40 -15.38 -56.80
C VAL C 134 7.36 -14.78 -57.74
N ASN C 135 7.47 -13.49 -57.98
CA ASN C 135 6.61 -12.77 -58.91
C ASN C 135 7.44 -12.31 -60.10
N TYR C 136 6.78 -12.23 -61.26
CA TYR C 136 7.45 -11.88 -62.51
C TYR C 136 6.77 -10.69 -63.17
N LEU C 137 7.60 -9.78 -63.70
CA LEU C 137 7.14 -8.66 -64.51
C LEU C 137 7.91 -8.67 -65.81
N SER C 138 7.19 -8.59 -66.93
CA SER C 138 7.81 -8.65 -68.24
C SER C 138 8.47 -7.31 -68.57
N ARG C 139 9.11 -7.25 -69.74
CA ARG C 139 9.71 -6.00 -70.19
C ARG C 139 8.66 -4.92 -70.39
N GLU C 140 7.52 -5.29 -70.97
CA GLU C 140 6.43 -4.34 -71.13
C GLU C 140 5.85 -3.93 -69.78
N ASP C 141 5.77 -4.87 -68.84
CA ASP C 141 5.28 -4.54 -67.50
C ASP C 141 6.20 -3.54 -66.80
N ALA C 142 7.51 -3.72 -66.95
CA ALA C 142 8.46 -2.75 -66.39
C ALA C 142 8.30 -1.38 -67.03
N LEU C 143 8.14 -1.34 -68.35
CA LEU C 143 7.89 -0.08 -69.03
C LEU C 143 6.51 0.47 -68.70
N GLY C 144 5.52 -0.41 -68.49
CA GLY C 144 4.19 0.04 -68.12
C GLY C 144 4.17 0.77 -66.79
N GLU C 145 4.89 0.22 -65.80
CA GLU C 145 5.01 0.90 -64.52
C GLU C 145 5.80 2.20 -64.66
N PHE C 146 6.80 2.22 -65.54
CA PHE C 146 7.52 3.46 -65.83
C PHE C 146 6.59 4.50 -66.42
N ARG C 147 5.73 4.09 -67.35
CA ARG C 147 4.78 5.02 -67.95
C ARG C 147 3.78 5.53 -66.92
N ASN C 148 3.30 4.65 -66.05
CA ASN C 148 2.29 5.05 -65.06
C ASN C 148 2.84 6.09 -64.09
N TRP C 149 4.06 5.89 -63.61
CA TRP C 149 4.66 6.84 -62.67
C TRP C 149 4.91 8.18 -63.35
N SER C 150 5.42 8.16 -64.58
CA SER C 150 5.82 9.40 -65.25
C SER C 150 4.60 10.26 -65.59
N GLY C 151 3.59 9.66 -66.19
CA GLY C 151 2.45 10.44 -66.69
C GLY C 151 2.73 11.14 -68.00
N PHE C 152 3.85 11.85 -68.09
CA PHE C 152 4.28 12.48 -69.34
C PHE C 152 5.21 11.58 -70.15
N GLY C 153 5.46 10.35 -69.70
CA GLY C 153 6.36 9.45 -70.37
C GLY C 153 5.74 8.73 -71.56
N GLY C 154 4.79 9.38 -72.23
CA GLY C 154 4.18 8.80 -73.41
C GLY C 154 5.05 8.83 -74.64
N ALA C 155 6.18 9.53 -74.60
CA ALA C 155 7.11 9.59 -75.72
C ALA C 155 7.93 8.32 -75.88
N LEU C 156 7.83 7.37 -74.93
CA LEU C 156 8.59 6.14 -75.02
C LEU C 156 8.23 5.32 -76.25
N ASP C 157 7.05 5.55 -76.84
CA ASP C 157 6.64 4.81 -78.02
C ASP C 157 7.49 5.14 -79.25
N MET C 158 8.23 6.25 -79.22
CA MET C 158 9.12 6.60 -80.32
C MET C 158 10.35 5.70 -80.41
N LEU C 159 10.67 4.98 -79.34
CA LEU C 159 11.81 4.07 -79.34
C LEU C 159 11.52 2.83 -80.17
N GLU C 160 12.55 2.31 -80.83
CA GLU C 160 12.40 1.13 -81.66
C GLU C 160 12.26 -0.14 -80.84
N GLU C 161 12.82 -0.18 -79.63
CA GLU C 161 12.77 -1.37 -78.80
C GLU C 161 12.70 -0.96 -77.34
N ASN C 162 12.23 -1.88 -76.51
CA ASN C 162 12.12 -1.64 -75.07
C ASN C 162 13.51 -1.73 -74.43
N PRO C 163 14.00 -0.67 -73.79
CA PRO C 163 15.33 -0.73 -73.16
C PRO C 163 15.33 -1.41 -71.80
N LEU C 164 14.15 -1.63 -71.19
CA LEU C 164 14.10 -2.22 -69.85
C LEU C 164 14.06 -3.74 -69.92
N PRO C 165 14.88 -4.40 -69.12
CA PRO C 165 14.90 -5.87 -69.10
C PRO C 165 13.80 -6.44 -68.20
N ALA C 166 13.69 -7.76 -68.21
CA ALA C 166 12.72 -8.44 -67.38
C ALA C 166 13.05 -8.28 -65.90
N VAL C 167 12.02 -8.11 -65.08
CA VAL C 167 12.15 -7.90 -63.65
C VAL C 167 11.39 -8.99 -62.92
N ALA C 168 12.05 -9.61 -61.95
CA ALA C 168 11.45 -10.67 -61.13
C ALA C 168 11.56 -10.28 -59.67
N VAL C 169 10.51 -10.57 -58.91
CA VAL C 169 10.42 -10.21 -57.49
C VAL C 169 10.38 -11.49 -56.68
N VAL C 170 11.30 -11.62 -55.73
CA VAL C 170 11.38 -12.77 -54.84
C VAL C 170 11.24 -12.29 -53.42
N ILE C 171 10.31 -12.89 -52.68
CA ILE C 171 10.07 -12.55 -51.28
C ILE C 171 10.77 -13.58 -50.42
N PRO C 172 11.77 -13.21 -49.62
CA PRO C 172 12.39 -14.17 -48.71
C PRO C 172 11.44 -14.56 -47.59
N LYS C 173 11.72 -15.72 -46.99
CA LYS C 173 10.91 -16.19 -45.86
C LYS C 173 11.00 -15.19 -44.71
N LEU C 174 9.88 -15.02 -44.00
CA LEU C 174 9.80 -14.01 -42.96
C LEU C 174 10.81 -14.28 -41.84
N ASP C 175 10.97 -15.53 -41.45
CA ASP C 175 11.95 -15.88 -40.42
C ASP C 175 13.38 -15.91 -40.93
N PHE C 176 13.57 -15.85 -42.25
CA PHE C 176 14.90 -15.91 -42.86
C PHE C 176 15.37 -14.53 -43.32
N GLN C 177 14.89 -13.45 -42.72
CA GLN C 177 15.26 -12.10 -43.10
C GLN C 177 16.44 -11.56 -42.30
N GLY C 178 17.32 -12.43 -41.81
CA GLY C 178 18.52 -11.97 -41.15
C GLY C 178 19.47 -11.31 -42.13
N THR C 179 20.28 -10.39 -41.61
CA THR C 179 21.16 -9.60 -42.48
C THR C 179 22.14 -10.50 -43.23
N GLU C 180 22.76 -11.46 -42.54
CA GLU C 180 23.67 -12.38 -43.20
C GLU C 180 22.92 -13.34 -44.13
N SER C 181 21.74 -13.80 -43.71
CA SER C 181 20.98 -14.75 -44.51
C SER C 181 20.57 -14.15 -45.85
N LEU C 182 20.10 -12.91 -45.84
CA LEU C 182 19.68 -12.26 -47.08
C LEU C 182 20.82 -12.11 -48.05
N ASN C 183 22.00 -11.71 -47.56
CA ASN C 183 23.17 -11.61 -48.43
C ASN C 183 23.58 -12.97 -48.96
N THR C 184 23.52 -14.00 -48.10
CA THR C 184 23.82 -15.35 -48.56
C THR C 184 22.79 -15.82 -49.60
N LEU C 185 21.52 -15.52 -49.35
CA LEU C 185 20.48 -15.89 -50.31
C LEU C 185 20.65 -15.15 -51.64
N ARG C 186 20.96 -13.86 -51.57
CA ARG C 186 21.12 -13.06 -52.78
C ARG C 186 22.31 -13.55 -53.59
N ASP C 187 23.43 -13.85 -52.92
CA ASP C 187 24.60 -14.38 -53.62
C ASP C 187 24.29 -15.73 -54.26
N ARG C 188 23.56 -16.59 -53.56
CA ARG C 188 23.18 -17.89 -54.13
C ARG C 188 22.21 -17.70 -55.30
N ILE C 189 21.39 -16.66 -55.26
CA ILE C 189 20.47 -16.40 -56.36
C ILE C 189 21.24 -16.00 -57.62
N THR C 190 22.31 -15.22 -57.46
CA THR C 190 23.07 -14.74 -58.61
C THR C 190 23.65 -15.89 -59.43
N GLN C 191 23.87 -17.04 -58.79
CA GLN C 191 24.40 -18.20 -59.50
C GLN C 191 23.41 -18.81 -60.49
N ILE C 192 22.13 -18.44 -60.41
CA ILE C 192 21.13 -18.97 -61.32
C ILE C 192 21.32 -18.38 -62.71
N ASN C 193 21.30 -19.24 -63.72
CA ASN C 193 21.51 -18.80 -65.09
C ASN C 193 20.37 -17.88 -65.55
N GLY C 194 20.70 -16.95 -66.43
CA GLY C 194 19.74 -16.02 -66.97
C GLY C 194 19.50 -14.78 -66.14
N ILE C 195 20.25 -14.58 -65.05
CA ILE C 195 20.07 -13.43 -64.19
C ILE C 195 21.14 -12.40 -64.50
N ASP C 196 20.72 -11.22 -64.93
CA ASP C 196 21.62 -10.11 -65.20
C ASP C 196 22.12 -9.45 -63.91
N GLU C 197 21.24 -9.31 -62.92
CA GLU C 197 21.59 -8.66 -61.67
C GLU C 197 20.53 -9.00 -60.62
N VAL C 198 21.00 -9.26 -59.40
CA VAL C 198 20.13 -9.42 -58.23
C VAL C 198 20.25 -8.14 -57.42
N ARG C 199 19.13 -7.44 -57.26
CA ARG C 199 19.13 -6.09 -56.68
C ARG C 199 18.48 -6.13 -55.31
N MET C 200 19.13 -5.53 -54.33
CA MET C 200 18.57 -5.32 -53.00
C MET C 200 18.62 -3.85 -52.64
N ASP C 201 17.63 -3.42 -51.86
CA ASP C 201 17.62 -2.04 -51.38
C ASP C 201 18.73 -1.75 -50.37
N ASP C 202 19.33 -2.80 -49.79
CA ASP C 202 20.49 -2.67 -48.92
C ASP C 202 20.27 -1.63 -47.82
N SER C 203 20.53 -0.36 -48.14
CA SER C 203 20.42 0.71 -47.15
C SER C 203 19.03 0.76 -46.53
N TRP C 204 17.99 0.63 -47.34
CA TRP C 204 16.63 0.68 -46.80
C TRP C 204 16.31 -0.58 -45.99
N PHE C 205 16.98 -1.70 -46.28
CA PHE C 205 16.80 -2.89 -45.46
C PHE C 205 17.33 -2.66 -44.05
N ALA C 206 18.58 -2.19 -43.94
CA ALA C 206 19.17 -1.99 -42.62
C ALA C 206 18.50 -0.85 -41.86
N ARG C 207 18.14 0.22 -42.57
CA ARG C 207 17.49 1.35 -41.92
C ARG C 207 16.15 0.93 -41.32
N LEU C 208 15.36 0.16 -42.06
CA LEU C 208 14.11 -0.35 -41.51
C LEU C 208 14.35 -1.32 -40.36
N ALA C 209 15.36 -2.18 -40.49
CA ALA C 209 15.67 -3.13 -39.43
C ALA C 209 16.15 -2.41 -38.17
N ALA C 210 16.94 -1.35 -38.34
CA ALA C 210 17.45 -0.62 -37.18
C ALA C 210 16.31 0.02 -36.38
N LEU C 211 15.33 0.60 -37.06
CA LEU C 211 14.21 1.23 -36.36
C LEU C 211 13.39 0.20 -35.60
N THR C 212 13.15 -0.96 -36.21
CA THR C 212 12.40 -2.01 -35.53
C THR C 212 13.13 -2.51 -34.30
N GLY C 213 14.46 -2.68 -34.39
CA GLY C 213 15.23 -3.11 -33.24
C GLY C 213 15.17 -2.11 -32.10
N LEU C 214 15.15 -0.81 -32.43
CA LEU C 214 15.04 0.22 -31.40
C LEU C 214 13.70 0.11 -30.68
N VAL C 215 12.63 -0.17 -31.42
CA VAL C 215 11.31 -0.33 -30.80
C VAL C 215 11.32 -1.51 -29.86
N GLY C 216 12.06 -2.57 -30.20
CA GLY C 216 12.13 -3.73 -29.33
C GLY C 216 12.77 -3.42 -27.98
N ARG C 217 13.88 -2.68 -27.99
CA ARG C 217 14.56 -2.37 -26.74
C ARG C 217 13.74 -1.45 -25.85
N VAL C 218 13.06 -0.46 -26.45
CA VAL C 218 12.22 0.43 -25.67
C VAL C 218 11.02 -0.32 -25.09
N SER C 219 10.37 -1.15 -25.91
CA SER C 219 9.22 -1.90 -25.43
C SER C 219 9.61 -2.88 -24.33
N ALA C 220 10.76 -3.55 -24.48
CA ALA C 220 11.23 -4.45 -23.44
C ALA C 220 11.53 -3.70 -22.16
N MET C 221 12.08 -2.49 -22.27
CA MET C 221 12.34 -1.67 -21.09
C MET C 221 11.04 -1.31 -20.37
N ILE C 222 10.01 -0.95 -21.15
CA ILE C 222 8.73 -0.60 -20.56
C ILE C 222 8.05 -1.83 -19.97
N GLY C 223 8.17 -2.97 -20.65
CA GLY C 223 7.52 -4.18 -20.16
C GLY C 223 8.02 -4.63 -18.80
N VAL C 224 9.33 -4.53 -18.58
CA VAL C 224 9.90 -4.92 -17.30
C VAL C 224 9.38 -4.02 -16.18
N LEU C 225 9.31 -2.72 -16.44
CA LEU C 225 8.84 -1.78 -15.42
C LEU C 225 7.39 -2.06 -15.03
N MET C 226 6.54 -2.36 -16.01
CA MET C 226 5.14 -2.67 -15.72
C MET C 226 5.02 -3.95 -14.92
N VAL C 227 5.82 -4.97 -15.25
CA VAL C 227 5.79 -6.22 -14.50
C VAL C 227 6.28 -6.01 -13.08
N ALA C 228 7.36 -5.24 -12.92
CA ALA C 228 7.90 -4.99 -11.59
C ALA C 228 6.90 -4.23 -10.72
N ALA C 229 6.15 -3.30 -11.32
CA ALA C 229 5.16 -2.56 -10.57
C ALA C 229 4.06 -3.48 -10.04
N VAL C 230 3.64 -4.45 -10.85
CA VAL C 230 2.60 -5.38 -10.42
C VAL C 230 3.09 -6.19 -9.22
N PHE C 231 4.33 -6.66 -9.26
CA PHE C 231 4.88 -7.43 -8.14
C PHE C 231 4.95 -6.57 -6.88
N LEU C 232 5.39 -5.31 -7.03
CA LEU C 232 5.57 -4.47 -5.85
C LEU C 232 4.24 -3.99 -5.30
N VAL C 233 3.28 -3.64 -6.17
CA VAL C 233 2.01 -3.12 -5.70
C VAL C 233 1.25 -4.18 -4.92
N ILE C 234 1.14 -5.39 -5.47
CA ILE C 234 0.45 -6.47 -4.78
C ILE C 234 1.20 -6.85 -3.51
N GLY C 235 2.53 -6.96 -3.60
CA GLY C 235 3.31 -7.35 -2.44
C GLY C 235 3.24 -6.35 -1.31
N ASN C 236 3.29 -5.06 -1.63
CA ASN C 236 3.28 -4.04 -0.60
C ASN C 236 1.89 -3.84 -0.01
N SER C 237 0.83 -3.98 -0.81
CA SER C 237 -0.52 -3.83 -0.28
C SER C 237 -0.83 -4.92 0.74
N VAL C 238 -0.44 -6.16 0.45
CA VAL C 238 -0.65 -7.25 1.39
C VAL C 238 0.23 -7.08 2.62
N ARG C 239 1.48 -6.62 2.41
CA ARG C 239 2.40 -6.46 3.52
C ARG C 239 1.89 -5.44 4.53
N LEU C 240 1.35 -4.31 4.05
CA LEU C 240 0.83 -3.31 4.97
C LEU C 240 -0.48 -3.75 5.61
N SER C 241 -1.29 -4.52 4.89
CA SER C 241 -2.54 -5.01 5.46
C SER C 241 -2.29 -5.98 6.60
N ILE C 242 -1.30 -6.86 6.46
CA ILE C 242 -0.99 -7.82 7.50
C ILE C 242 -0.39 -7.12 8.72
N PHE C 243 0.45 -6.10 8.48
CA PHE C 243 1.12 -5.41 9.57
C PHE C 243 0.14 -4.78 10.53
N ALA C 244 -1.03 -4.36 10.05
CA ALA C 244 -2.05 -3.79 10.93
C ALA C 244 -2.72 -4.83 11.82
N ARG C 245 -2.55 -6.12 11.52
CA ARG C 245 -3.15 -7.19 12.29
C ARG C 245 -2.10 -8.05 13.02
N ARG C 246 -0.88 -7.53 13.18
CA ARG C 246 0.18 -8.30 13.80
C ARG C 246 -0.09 -8.64 15.25
N ASP C 247 -1.00 -7.91 15.91
CA ASP C 247 -1.32 -8.22 17.30
C ASP C 247 -2.08 -9.53 17.41
N SER C 248 -2.90 -9.87 16.41
CA SER C 248 -3.60 -11.15 16.43
C SER C 248 -2.66 -12.32 16.21
N ILE C 249 -1.54 -12.11 15.51
CA ILE C 249 -0.54 -13.16 15.37
C ILE C 249 0.11 -13.44 16.73
N ASN C 250 0.40 -12.39 17.49
CA ASN C 250 1.03 -12.56 18.80
C ASN C 250 0.14 -13.33 19.75
N VAL C 251 -1.16 -13.04 19.74
CA VAL C 251 -2.07 -13.68 20.69
C VAL C 251 -2.14 -15.19 20.43
N GLN C 252 -2.24 -15.59 19.16
CA GLN C 252 -2.38 -17.00 18.84
C GLN C 252 -1.13 -17.78 19.18
N LYS C 253 0.05 -17.18 19.03
CA LYS C 253 1.29 -17.86 19.40
C LYS C 253 1.33 -18.14 20.90
N LEU C 254 0.84 -17.20 21.70
CA LEU C 254 0.93 -17.35 23.16
C LEU C 254 0.04 -18.47 23.68
N ILE C 255 -1.03 -18.81 22.95
CA ILE C 255 -1.97 -19.83 23.40
C ILE C 255 -1.68 -21.18 22.76
N GLY C 256 -0.57 -21.31 22.04
CA GLY C 256 -0.12 -22.60 21.56
C GLY C 256 -0.41 -22.94 20.12
N ALA C 257 -0.88 -21.99 19.31
CA ALA C 257 -1.16 -22.26 17.92
C ALA C 257 0.14 -22.50 17.16
N THR C 258 0.12 -23.50 16.28
CA THR C 258 1.28 -23.77 15.44
C THR C 258 1.40 -22.74 14.33
N ASP C 259 2.60 -22.68 13.73
CA ASP C 259 2.84 -21.71 12.67
C ASP C 259 1.96 -21.99 11.46
N GLY C 260 1.68 -23.25 11.16
CA GLY C 260 0.81 -23.57 10.04
C GLY C 260 -0.61 -23.08 10.25
N PHE C 261 -1.12 -23.21 11.48
CA PHE C 261 -2.48 -22.75 11.78
C PHE C 261 -2.59 -21.24 11.63
N ILE C 262 -1.58 -20.50 12.09
CA ILE C 262 -1.64 -19.04 12.02
C ILE C 262 -1.54 -18.56 10.58
N LEU C 263 -0.73 -19.24 9.76
CA LEU C 263 -0.47 -18.77 8.41
C LEU C 263 -1.73 -18.82 7.54
N ARG C 264 -2.55 -19.87 7.69
CA ARG C 264 -3.62 -20.14 6.75
C ARG C 264 -4.59 -18.98 6.53
N PRO C 265 -5.12 -18.31 7.56
CA PRO C 265 -6.02 -17.18 7.29
C PRO C 265 -5.36 -16.06 6.51
N PHE C 266 -4.06 -15.82 6.71
CA PHE C 266 -3.38 -14.76 5.98
C PHE C 266 -3.04 -15.18 4.55
N LEU C 267 -2.73 -16.46 4.33
CA LEU C 267 -2.43 -16.91 2.97
C LEU C 267 -3.67 -16.82 2.08
N TYR C 268 -4.83 -17.22 2.60
CA TYR C 268 -6.05 -17.15 1.81
C TYR C 268 -6.48 -15.70 1.58
N GLY C 269 -6.24 -14.82 2.54
CA GLY C 269 -6.56 -13.42 2.34
C GLY C 269 -5.69 -12.77 1.28
N GLY C 270 -4.41 -13.13 1.23
CA GLY C 270 -3.53 -12.59 0.20
C GLY C 270 -3.90 -13.07 -1.18
N ALA C 271 -4.27 -14.35 -1.32
CA ALA C 271 -4.67 -14.87 -2.61
C ALA C 271 -5.97 -14.26 -3.09
N LEU C 272 -6.91 -13.99 -2.18
CA LEU C 272 -8.17 -13.37 -2.57
C LEU C 272 -7.96 -11.96 -3.10
N LEU C 273 -7.07 -11.19 -2.48
CA LEU C 273 -6.80 -9.84 -2.96
C LEU C 273 -6.23 -9.85 -4.36
N GLY C 274 -5.29 -10.76 -4.63
CA GLY C 274 -4.76 -10.88 -5.98
C GLY C 274 -5.80 -11.34 -6.97
N PHE C 275 -6.63 -12.30 -6.58
CA PHE C 275 -7.68 -12.79 -7.47
C PHE C 275 -8.73 -11.72 -7.73
N SER C 276 -9.15 -11.00 -6.68
CA SER C 276 -10.14 -9.95 -6.86
C SER C 276 -9.60 -8.81 -7.73
N GLY C 277 -8.35 -8.41 -7.50
CA GLY C 277 -7.78 -7.35 -8.31
C GLY C 277 -7.57 -7.76 -9.76
N ALA C 278 -7.08 -8.97 -9.98
CA ALA C 278 -6.87 -9.43 -11.34
C ALA C 278 -8.19 -9.58 -12.10
N LEU C 279 -9.22 -10.09 -11.42
CA LEU C 279 -10.52 -10.26 -12.06
C LEU C 279 -11.10 -8.91 -12.48
N LEU C 280 -10.95 -7.90 -11.64
CA LEU C 280 -11.49 -6.58 -11.96
C LEU C 280 -10.77 -5.97 -13.15
N SER C 281 -9.46 -6.16 -13.26
CA SER C 281 -8.71 -5.62 -14.38
C SER C 281 -9.12 -6.24 -15.71
N LEU C 282 -9.65 -7.46 -15.69
CA LEU C 282 -10.15 -8.05 -16.93
C LEU C 282 -11.37 -7.31 -17.45
N ILE C 283 -12.24 -6.85 -16.55
CA ILE C 283 -13.39 -6.07 -16.96
C ILE C 283 -12.94 -4.72 -17.55
N LEU C 284 -11.96 -4.09 -16.92
CA LEU C 284 -11.46 -2.81 -17.44
C LEU C 284 -10.82 -2.99 -18.80
N SER C 285 -10.06 -4.07 -19.00
CA SER C 285 -9.46 -4.31 -20.31
C SER C 285 -10.53 -4.54 -21.36
N GLU C 286 -11.60 -5.25 -21.00
CA GLU C 286 -12.70 -5.46 -21.94
C GLU C 286 -13.36 -4.14 -22.33
N ILE C 287 -13.57 -3.26 -21.34
CA ILE C 287 -14.23 -1.99 -21.62
C ILE C 287 -13.36 -1.12 -22.53
N LEU C 288 -12.07 -1.02 -22.22
CA LEU C 288 -11.20 -0.16 -23.00
C LEU C 288 -11.02 -0.66 -24.44
N VAL C 289 -11.19 -1.96 -24.68
CA VAL C 289 -11.17 -2.47 -26.05
C VAL C 289 -12.34 -1.90 -26.84
N LEU C 290 -13.53 -1.89 -26.24
CA LEU C 290 -14.71 -1.43 -26.94
C LEU C 290 -14.60 0.04 -27.30
N ARG C 291 -13.99 0.84 -26.44
CA ARG C 291 -13.75 2.24 -26.77
C ARG C 291 -12.82 2.38 -27.96
N LEU C 292 -11.76 1.57 -28.01
CA LEU C 292 -10.83 1.61 -29.13
C LEU C 292 -11.36 0.86 -30.35
N SER C 293 -12.35 -0.01 -30.18
CA SER C 293 -12.89 -0.75 -31.31
C SER C 293 -13.52 0.18 -32.33
N SER C 294 -14.25 1.19 -31.88
CA SER C 294 -14.83 2.17 -32.80
C SER C 294 -13.74 2.95 -33.52
N ALA C 295 -12.71 3.36 -32.79
CA ALA C 295 -11.66 4.19 -33.38
C ALA C 295 -10.91 3.47 -34.50
N VAL C 296 -10.61 2.19 -34.31
CA VAL C 296 -9.90 1.43 -35.33
C VAL C 296 -10.77 1.28 -36.58
N ALA C 297 -12.09 1.25 -36.42
CA ALA C 297 -12.98 1.11 -37.56
C ALA C 297 -12.83 2.26 -38.54
N GLU C 298 -12.75 3.49 -38.03
CA GLU C 298 -12.56 4.64 -38.92
C GLU C 298 -11.22 4.58 -39.63
N VAL C 299 -10.17 4.17 -38.93
CA VAL C 299 -8.85 4.04 -39.56
C VAL C 299 -8.90 2.99 -40.66
N ALA C 300 -9.55 1.86 -40.39
CA ALA C 300 -9.70 0.83 -41.42
C ALA C 300 -10.58 1.32 -42.56
N GLN C 301 -11.59 2.15 -42.25
CA GLN C 301 -12.47 2.66 -43.29
C GLN C 301 -11.72 3.54 -44.28
N VAL C 302 -10.80 4.37 -43.79
CA VAL C 302 -10.03 5.23 -44.68
C VAL C 302 -9.18 4.38 -45.62
N PHE C 303 -8.53 3.36 -45.08
CA PHE C 303 -7.73 2.47 -45.92
C PHE C 303 -8.60 1.50 -46.71
N GLY C 304 -9.88 1.38 -46.38
CA GLY C 304 -10.78 0.49 -47.08
C GLY C 304 -10.73 -0.93 -46.57
N THR C 305 -9.53 -1.43 -46.29
CA THR C 305 -9.36 -2.79 -45.80
C THR C 305 -9.93 -2.91 -44.39
N LYS C 306 -10.43 -4.09 -44.07
CA LYS C 306 -11.09 -4.34 -42.78
C LYS C 306 -10.13 -4.98 -41.80
N PHE C 307 -10.12 -4.45 -40.57
CA PHE C 307 -9.29 -4.97 -39.49
C PHE C 307 -10.12 -5.02 -38.21
N ASP C 308 -9.83 -6.02 -37.38
CA ASP C 308 -10.56 -6.22 -36.13
C ASP C 308 -9.58 -6.33 -34.97
N ILE C 309 -9.98 -5.78 -33.84
CA ILE C 309 -9.17 -5.84 -32.63
C ILE C 309 -9.32 -7.20 -31.99
N ASN C 310 -8.20 -7.82 -31.64
CA ASN C 310 -8.19 -9.10 -30.94
C ASN C 310 -7.99 -8.84 -29.45
N GLY C 311 -8.92 -9.30 -28.63
CA GLY C 311 -8.83 -9.14 -27.20
C GLY C 311 -7.96 -10.21 -26.57
N LEU C 312 -8.16 -10.41 -25.27
CA LEU C 312 -7.43 -11.42 -24.53
C LEU C 312 -8.17 -12.75 -24.63
N SER C 313 -7.45 -13.79 -25.05
CA SER C 313 -8.05 -15.11 -25.17
C SER C 313 -8.36 -15.68 -23.78
N PHE C 314 -9.17 -16.75 -23.79
CA PHE C 314 -9.57 -17.36 -22.52
C PHE C 314 -8.37 -17.94 -21.79
N ASP C 315 -7.40 -18.49 -22.53
CA ASP C 315 -6.20 -19.02 -21.90
C ASP C 315 -5.41 -17.92 -21.20
N GLU C 316 -5.29 -16.76 -21.84
CA GLU C 316 -4.58 -15.65 -21.21
C GLU C 316 -5.29 -15.16 -19.95
N CYS C 317 -6.63 -15.14 -19.99
CA CYS C 317 -7.39 -14.69 -18.82
C CYS C 317 -7.15 -15.60 -17.62
N LEU C 318 -7.16 -16.92 -17.84
CA LEU C 318 -6.91 -17.85 -16.74
C LEU C 318 -5.50 -17.68 -16.19
N LEU C 319 -4.51 -17.49 -17.07
CA LEU C 319 -3.13 -17.35 -16.61
C LEU C 319 -2.96 -16.08 -15.78
N LEU C 320 -3.62 -15.00 -16.17
CA LEU C 320 -3.53 -13.77 -15.39
C LEU C 320 -4.12 -13.94 -14.00
N LEU C 321 -5.28 -14.60 -13.90
CA LEU C 321 -5.89 -14.84 -12.60
C LEU C 321 -5.02 -15.74 -11.74
N LEU C 322 -4.49 -16.81 -12.32
CA LEU C 322 -3.70 -17.77 -11.55
C LEU C 322 -2.38 -17.16 -11.07
N VAL C 323 -1.72 -16.38 -11.93
CA VAL C 323 -0.43 -15.81 -11.56
C VAL C 323 -0.59 -14.78 -10.45
N CYS C 324 -1.60 -13.91 -10.55
CA CYS C 324 -1.77 -12.88 -9.55
C CYS C 324 -2.16 -13.46 -8.20
N SER C 325 -2.91 -14.56 -8.19
CA SER C 325 -3.23 -15.22 -6.93
C SER C 325 -1.98 -15.78 -6.27
N MET C 326 -1.06 -16.34 -7.07
CA MET C 326 0.18 -16.86 -6.52
C MET C 326 1.04 -15.75 -5.93
N ILE C 327 1.07 -14.58 -6.57
CA ILE C 327 1.86 -13.47 -6.07
C ILE C 327 1.34 -13.02 -4.71
N GLY C 328 0.02 -12.92 -4.56
CA GLY C 328 -0.54 -12.59 -3.26
C GLY C 328 -0.28 -13.66 -2.22
N TRP C 329 -0.29 -14.93 -2.64
CA TRP C 329 0.00 -16.02 -1.73
C TRP C 329 1.42 -15.93 -1.19
N VAL C 330 2.39 -15.69 -2.08
CA VAL C 330 3.78 -15.64 -1.66
C VAL C 330 4.04 -14.38 -0.84
N ALA C 331 3.45 -13.25 -1.24
CA ALA C 331 3.62 -12.02 -0.49
C ALA C 331 3.06 -12.15 0.92
N ALA C 332 1.89 -12.77 1.05
CA ALA C 332 1.32 -12.99 2.38
C ALA C 332 2.13 -13.98 3.19
N TRP C 333 2.85 -14.90 2.52
CA TRP C 333 3.70 -15.84 3.24
C TRP C 333 4.95 -15.17 3.78
N LEU C 334 5.58 -14.32 2.96
CA LEU C 334 6.81 -13.65 3.40
C LEU C 334 6.54 -12.69 4.54
N ALA C 335 5.45 -11.92 4.46
CA ALA C 335 5.14 -10.94 5.50
C ALA C 335 4.83 -11.62 6.83
N THR C 336 4.04 -12.70 6.79
CA THR C 336 3.62 -13.35 8.02
C THR C 336 4.79 -14.03 8.73
N VAL C 337 5.69 -14.65 7.97
CA VAL C 337 6.85 -15.32 8.57
C VAL C 337 7.73 -14.32 9.30
N GLN C 338 7.80 -13.08 8.80
CA GLN C 338 8.58 -12.05 9.48
C GLN C 338 8.05 -11.79 10.88
N HIS C 339 6.72 -11.71 11.03
CA HIS C 339 6.14 -11.44 12.34
C HIS C 339 6.25 -12.65 13.25
N LEU C 340 6.14 -13.86 12.70
CA LEU C 340 6.30 -15.06 13.50
C LEU C 340 7.72 -15.16 14.07
N ARG C 341 8.72 -14.80 13.26
CA ARG C 341 10.09 -14.80 13.75
C ARG C 341 10.34 -13.63 14.71
N HIS C 342 9.52 -12.59 14.63
CA HIS C 342 9.71 -11.45 15.52
C HIS C 342 9.23 -11.75 16.93
N PHE C 343 8.16 -12.55 17.06
CA PHE C 343 7.56 -12.82 18.36
C PHE C 343 8.17 -14.00 19.08
N THR C 344 9.08 -14.74 18.45
CA THR C 344 9.76 -15.81 19.15
C THR C 344 10.74 -15.22 20.15
N PRO C 345 10.98 -15.89 21.29
CA PRO C 345 11.95 -15.35 22.24
C PRO C 345 13.36 -15.23 21.67
N GLU C 346 13.93 -16.32 21.18
CA GLU C 346 15.25 -16.31 20.60
C GLU C 346 15.51 -17.59 19.81
N PHE D 46 11.58 28.45 11.85
CA PHE D 46 10.33 27.70 11.89
C PHE D 46 9.69 27.74 13.27
N ASN D 47 8.37 27.54 13.31
CA ASN D 47 7.66 27.51 14.58
C ASN D 47 8.11 26.30 15.41
N GLU D 48 7.99 26.44 16.73
CA GLU D 48 8.43 25.37 17.63
C GLU D 48 7.62 24.10 17.41
N GLN D 49 6.31 24.23 17.26
CA GLN D 49 5.48 23.05 17.03
C GLN D 49 5.71 22.44 15.66
N VAL D 50 6.06 23.27 14.68
CA VAL D 50 6.44 22.74 13.36
C VAL D 50 7.69 21.88 13.48
N ARG D 51 8.67 22.33 14.26
CA ARG D 51 9.88 21.56 14.47
C ARG D 51 9.58 20.23 15.16
N TYR D 52 8.69 20.26 16.16
CA TYR D 52 8.32 19.03 16.85
C TYR D 52 7.60 18.06 15.93
N ALA D 53 6.69 18.57 15.10
CA ALA D 53 5.94 17.70 14.19
C ALA D 53 6.86 17.05 13.17
N PHE D 54 7.80 17.81 12.61
CA PHE D 54 8.70 17.26 11.61
C PHE D 54 9.58 16.16 12.19
N HIS D 55 10.09 16.36 13.41
CA HIS D 55 10.92 15.34 14.03
C HIS D 55 10.12 14.07 14.32
N GLY D 56 8.88 14.23 14.76
CA GLY D 56 8.03 13.07 15.00
C GLY D 56 7.72 12.30 13.75
N ALA D 57 7.42 13.01 12.66
CA ALA D 57 7.16 12.35 11.38
C ALA D 57 8.41 11.64 10.88
N LEU D 58 9.57 12.28 11.00
CA LEU D 58 10.80 11.67 10.51
C LEU D 58 11.21 10.45 11.34
N GLN D 59 10.85 10.42 12.62
CA GLN D 59 11.23 9.31 13.47
C GLN D 59 10.51 8.03 13.09
N ASP D 60 9.27 8.13 12.62
CA ASP D 60 8.51 6.94 12.24
C ASP D 60 9.18 6.22 11.08
N LEU D 61 9.57 6.95 10.04
CA LEU D 61 10.23 6.33 8.89
C LEU D 61 11.56 5.72 9.29
N LYS D 62 12.30 6.38 10.19
CA LYS D 62 13.58 5.84 10.64
C LYS D 62 13.40 4.60 11.50
N SER D 63 12.26 4.47 12.18
CA SER D 63 12.07 3.37 13.11
C SER D 63 12.09 2.02 12.41
N LYS D 64 11.42 1.89 11.27
CA LYS D 64 11.36 0.63 10.51
C LYS D 64 11.96 0.89 9.14
N PRO D 65 13.25 0.65 8.97
CA PRO D 65 13.93 1.03 7.71
C PRO D 65 13.44 0.27 6.49
N PHE D 66 13.42 -1.06 6.56
CA PHE D 66 13.11 -1.85 5.37
C PHE D 66 11.68 -1.62 4.89
N ALA D 67 10.72 -1.55 5.82
CA ALA D 67 9.34 -1.33 5.42
C ALA D 67 9.16 0.02 4.74
N THR D 68 9.82 1.05 5.26
CA THR D 68 9.78 2.37 4.61
C THR D 68 10.39 2.32 3.23
N PHE D 69 11.51 1.59 3.08
CA PHE D 69 12.15 1.49 1.77
C PHE D 69 11.25 0.82 0.75
N LEU D 70 10.49 -0.20 1.18
CA LEU D 70 9.57 -0.87 0.26
C LEU D 70 8.48 0.09 -0.22
N THR D 71 7.95 0.92 0.69
CA THR D 71 6.91 1.87 0.30
C THR D 71 7.46 2.90 -0.68
N VAL D 72 8.69 3.39 -0.44
CA VAL D 72 9.30 4.35 -1.35
C VAL D 72 9.57 3.70 -2.70
N MET D 73 10.02 2.45 -2.70
CA MET D 73 10.32 1.76 -3.96
C MET D 73 9.07 1.57 -4.80
N VAL D 74 7.93 1.27 -4.17
CA VAL D 74 6.69 1.09 -4.92
C VAL D 74 6.28 2.40 -5.59
N ILE D 75 6.37 3.51 -4.86
CA ILE D 75 6.03 4.81 -5.44
C ILE D 75 6.99 5.16 -6.56
N ALA D 76 8.28 4.90 -6.35
CA ALA D 76 9.29 5.27 -7.36
C ALA D 76 9.06 4.56 -8.67
N ILE D 77 8.76 3.26 -8.61
CA ILE D 77 8.53 2.49 -9.85
C ILE D 77 7.29 3.01 -10.56
N SER D 78 6.22 3.28 -9.82
CA SER D 78 4.98 3.78 -10.42
C SER D 78 5.14 5.18 -10.99
N LEU D 79 6.20 5.90 -10.62
CA LEU D 79 6.48 7.21 -11.21
C LEU D 79 7.51 7.16 -12.32
N THR D 80 8.40 6.16 -12.31
CA THR D 80 9.33 5.99 -13.40
C THR D 80 8.60 5.62 -14.69
N LEU D 81 7.52 4.85 -14.58
CA LEU D 81 6.80 4.40 -15.77
C LEU D 81 6.24 5.55 -16.59
N PRO D 82 5.52 6.53 -16.03
CA PRO D 82 5.08 7.66 -16.87
C PRO D 82 6.20 8.60 -17.25
N SER D 83 7.24 8.72 -16.42
CA SER D 83 8.34 9.61 -16.76
C SER D 83 9.08 9.13 -17.99
N VAL D 84 9.33 7.82 -18.09
CA VAL D 84 10.01 7.28 -19.26
C VAL D 84 9.15 7.43 -20.51
N CYS D 85 7.86 7.10 -20.40
CA CYS D 85 6.97 7.20 -21.55
C CYS D 85 6.82 8.64 -22.02
N TYR D 86 6.71 9.58 -21.07
CA TYR D 86 6.67 10.99 -21.45
C TYR D 86 7.96 11.41 -22.15
N MET D 87 9.10 10.93 -21.65
CA MET D 87 10.37 11.21 -22.29
C MET D 87 10.42 10.65 -23.71
N VAL D 88 9.85 9.46 -23.92
CA VAL D 88 9.76 8.91 -25.26
C VAL D 88 8.88 9.78 -26.14
N TYR D 89 7.75 10.22 -25.62
CA TYR D 89 6.84 11.06 -26.40
C TYR D 89 7.50 12.39 -26.76
N LYS D 90 8.24 12.98 -25.82
CA LYS D 90 8.92 14.24 -26.09
C LYS D 90 9.98 14.08 -27.17
N ASN D 91 10.76 13.01 -27.11
CA ASN D 91 11.83 12.82 -28.07
C ASN D 91 11.30 12.40 -29.44
N VAL D 92 10.29 11.52 -29.46
CA VAL D 92 9.73 11.08 -30.73
C VAL D 92 9.08 12.25 -31.46
N ASN D 93 8.38 13.12 -30.73
CA ASN D 93 7.74 14.27 -31.35
C ASN D 93 8.78 15.18 -32.01
N GLN D 94 9.92 15.40 -31.36
CA GLN D 94 10.96 16.23 -31.94
C GLN D 94 11.50 15.63 -33.24
N ALA D 95 11.76 14.32 -33.23
CA ALA D 95 12.31 13.67 -34.42
C ALA D 95 11.32 13.71 -35.58
N ALA D 96 10.05 13.43 -35.31
CA ALA D 96 9.06 13.44 -36.37
C ALA D 96 8.90 14.83 -36.98
N THR D 97 8.87 15.86 -36.14
CA THR D 97 8.75 17.22 -36.66
C THR D 97 10.00 17.63 -37.43
N GLN D 98 11.15 17.04 -37.12
CA GLN D 98 12.42 17.46 -37.69
C GLN D 98 12.91 16.54 -38.81
N TYR D 99 12.52 15.27 -38.80
CA TYR D 99 13.08 14.29 -39.73
C TYR D 99 12.06 13.60 -40.63
N TYR D 100 10.76 13.66 -40.34
CA TYR D 100 9.79 12.96 -41.15
C TYR D 100 9.53 13.72 -42.45
N PRO D 101 9.73 13.09 -43.62
CA PRO D 101 9.36 13.76 -44.88
C PRO D 101 7.86 13.79 -45.09
N SER D 102 7.20 14.79 -44.52
CA SER D 102 5.76 14.91 -44.62
C SER D 102 5.34 15.14 -46.07
N PRO D 103 4.09 14.80 -46.42
CA PRO D 103 3.65 14.95 -47.82
C PRO D 103 3.80 16.38 -48.32
N GLN D 104 4.17 16.50 -49.58
CA GLN D 104 4.46 17.78 -50.20
C GLN D 104 3.31 18.20 -51.11
N ILE D 105 3.12 19.52 -51.21
CA ILE D 105 2.05 20.05 -52.07
C ILE D 105 2.31 19.73 -53.53
N THR D 106 3.58 19.87 -53.96
CA THR D 106 4.00 19.54 -55.32
C THR D 106 3.20 20.31 -56.37
N VAL D 107 3.38 21.64 -56.32
CA VAL D 107 2.69 22.52 -57.26
C VAL D 107 3.30 22.37 -58.64
N TYR D 108 2.45 22.20 -59.65
CA TYR D 108 2.87 22.14 -61.04
C TYR D 108 2.52 23.45 -61.74
N LEU D 109 3.49 24.04 -62.42
CA LEU D 109 3.31 25.30 -63.13
C LEU D 109 3.09 25.04 -64.62
N GLN D 110 2.65 26.09 -65.31
CA GLN D 110 2.42 25.99 -66.75
C GLN D 110 3.74 25.81 -67.49
N LYS D 111 3.72 24.96 -68.52
CA LYS D 111 4.93 24.66 -69.27
C LYS D 111 5.41 25.84 -70.11
N THR D 112 4.50 26.76 -70.47
CA THR D 112 4.88 27.89 -71.30
C THR D 112 5.73 28.91 -70.55
N LEU D 113 5.64 28.95 -69.23
CA LEU D 113 6.40 29.91 -68.45
C LEU D 113 7.87 29.52 -68.41
N ASP D 114 8.73 30.54 -68.42
CA ASP D 114 10.17 30.34 -68.29
C ASP D 114 10.56 30.45 -66.81
N ASP D 115 11.88 30.46 -66.56
CA ASP D 115 12.36 30.53 -65.18
C ASP D 115 11.98 31.86 -64.53
N ASP D 116 12.07 32.96 -65.28
CA ASP D 116 11.75 34.27 -64.72
C ASP D 116 10.28 34.37 -64.34
N ALA D 117 9.38 33.90 -65.23
CA ALA D 117 7.96 33.93 -64.92
C ALA D 117 7.61 32.96 -63.81
N ALA D 118 8.27 31.79 -63.79
CA ALA D 118 8.02 30.82 -62.72
C ALA D 118 8.43 31.36 -61.36
N ALA D 119 9.54 32.11 -61.32
CA ALA D 119 9.97 32.72 -60.06
C ALA D 119 8.94 33.72 -59.56
N GLY D 120 8.31 34.46 -60.48
CA GLY D 120 7.22 35.35 -60.09
C GLY D 120 6.06 34.59 -59.49
N VAL D 121 5.74 33.43 -60.06
CA VAL D 121 4.70 32.58 -59.47
C VAL D 121 5.14 32.07 -58.10
N VAL D 122 6.43 31.75 -57.97
CA VAL D 122 6.96 31.32 -56.67
C VAL D 122 6.82 32.43 -55.65
N ALA D 123 7.10 33.67 -56.05
CA ALA D 123 6.93 34.81 -55.14
C ALA D 123 5.47 34.97 -54.75
N GLN D 124 4.55 34.78 -55.70
CA GLN D 124 3.12 34.80 -55.37
C GLN D 124 2.76 33.68 -54.41
N LEU D 125 3.35 32.50 -54.59
CA LEU D 125 3.12 31.40 -53.66
C LEU D 125 3.60 31.75 -52.26
N GLN D 126 4.78 32.35 -52.15
CA GLN D 126 5.35 32.67 -50.84
C GLN D 126 4.57 33.75 -50.11
N ALA D 127 3.79 34.56 -50.83
CA ALA D 127 3.02 35.64 -50.22
C ALA D 127 1.70 35.17 -49.66
N GLU D 128 1.34 33.90 -49.83
CA GLU D 128 0.06 33.41 -49.33
C GLU D 128 0.08 33.30 -47.81
N GLN D 129 -1.11 33.34 -47.22
CA GLN D 129 -1.24 33.27 -45.77
C GLN D 129 -0.76 31.92 -45.23
N GLY D 130 -1.11 30.84 -45.89
CA GLY D 130 -0.80 29.50 -45.44
C GLY D 130 0.50 28.91 -45.93
N VAL D 131 1.38 29.72 -46.48
CA VAL D 131 2.64 29.26 -47.05
C VAL D 131 3.80 29.75 -46.18
N GLU D 132 4.68 28.84 -45.80
CA GLU D 132 5.88 29.17 -45.02
C GLU D 132 7.09 29.41 -45.92
N LYS D 133 7.33 28.52 -46.88
CA LYS D 133 8.45 28.65 -47.80
C LYS D 133 8.14 27.88 -49.07
N VAL D 134 8.66 28.38 -50.19
CA VAL D 134 8.50 27.74 -51.49
C VAL D 134 9.88 27.59 -52.12
N ASN D 135 10.19 26.37 -52.58
CA ASN D 135 11.41 26.09 -53.31
C ASN D 135 11.06 25.83 -54.77
N TYR D 136 11.85 26.38 -55.68
CA TYR D 136 11.58 26.34 -57.11
C TYR D 136 12.52 25.36 -57.81
N LEU D 137 11.95 24.52 -58.66
CA LEU D 137 12.70 23.63 -59.54
C LEU D 137 12.29 23.91 -60.98
N SER D 138 13.27 24.10 -61.85
CA SER D 138 13.01 24.44 -63.24
C SER D 138 12.56 23.20 -64.01
N ARG D 139 12.23 23.40 -65.30
CA ARG D 139 11.88 22.28 -66.15
C ARG D 139 13.06 21.33 -66.33
N GLU D 140 14.27 21.88 -66.45
CA GLU D 140 15.46 21.04 -66.54
C GLU D 140 15.70 20.31 -65.22
N ASP D 141 15.40 20.94 -64.10
CA ASP D 141 15.51 20.27 -62.81
C ASP D 141 14.57 19.07 -62.73
N ALA D 142 13.35 19.22 -63.22
CA ALA D 142 12.43 18.09 -63.29
C ALA D 142 12.96 17.02 -64.23
N LEU D 143 13.59 17.44 -65.34
CA LEU D 143 14.19 16.47 -66.26
C LEU D 143 15.33 15.72 -65.59
N GLY D 144 16.12 16.40 -64.76
CA GLY D 144 17.20 15.74 -64.06
C GLY D 144 16.70 14.65 -63.12
N GLU D 145 15.63 14.95 -62.38
CA GLU D 145 15.01 13.93 -61.53
C GLU D 145 14.38 12.82 -62.35
N PHE D 146 13.84 13.16 -63.52
CA PHE D 146 13.30 12.14 -64.41
C PHE D 146 14.40 11.18 -64.88
N ARG D 147 15.57 11.72 -65.22
CA ARG D 147 16.69 10.86 -65.63
C ARG D 147 17.16 9.99 -64.48
N ASN D 148 17.20 10.53 -63.26
CA ASN D 148 17.68 9.76 -62.11
C ASN D 148 16.76 8.57 -61.83
N TRP D 149 15.44 8.77 -61.89
CA TRP D 149 14.51 7.68 -61.62
C TRP D 149 14.59 6.63 -62.72
N SER D 150 14.58 7.06 -63.98
CA SER D 150 14.61 6.10 -65.09
C SER D 150 15.98 5.45 -65.23
N GLY D 151 17.05 6.25 -65.15
CA GLY D 151 18.37 5.74 -65.40
C GLY D 151 18.72 5.57 -66.86
N PHE D 152 17.83 5.96 -67.77
CA PHE D 152 18.04 5.84 -69.20
C PHE D 152 17.71 7.17 -69.87
N GLY D 153 18.63 7.67 -70.69
CA GLY D 153 18.44 8.94 -71.34
C GLY D 153 17.62 8.93 -72.60
N GLY D 154 17.15 7.75 -73.03
CA GLY D 154 16.37 7.65 -74.25
C GLY D 154 14.94 8.12 -74.15
N ALA D 155 14.47 8.43 -72.93
CA ALA D 155 13.10 8.91 -72.75
C ALA D 155 13.00 10.42 -72.69
N LEU D 156 14.11 11.14 -72.67
CA LEU D 156 14.10 12.60 -72.56
C LEU D 156 14.93 13.29 -73.62
N ASP D 157 16.04 12.71 -74.03
CA ASP D 157 17.00 13.41 -74.90
C ASP D 157 16.50 13.56 -76.33
N MET D 158 15.71 12.62 -76.85
CA MET D 158 15.32 12.65 -78.25
C MET D 158 14.17 13.62 -78.53
N LEU D 159 13.49 14.11 -77.51
CA LEU D 159 12.41 15.06 -77.73
C LEU D 159 12.98 16.42 -78.15
N GLU D 160 12.22 17.12 -79.01
CA GLU D 160 12.63 18.44 -79.46
C GLU D 160 12.55 19.48 -78.36
N GLU D 161 11.75 19.23 -77.32
CA GLU D 161 11.63 20.17 -76.21
C GLU D 161 11.28 19.37 -74.96
N ASN D 162 11.50 20.01 -73.81
CA ASN D 162 11.25 19.35 -72.53
C ASN D 162 9.75 19.20 -72.31
N PRO D 163 9.23 17.99 -72.16
CA PRO D 163 7.78 17.81 -71.93
C PRO D 163 7.37 17.96 -70.47
N LEU D 164 8.31 18.25 -69.57
CA LEU D 164 7.96 18.34 -68.16
C LEU D 164 7.80 19.80 -67.73
N PRO D 165 6.79 20.10 -66.93
CA PRO D 165 6.58 21.46 -66.46
C PRO D 165 7.45 21.80 -65.25
N ALA D 166 7.45 23.07 -64.89
CA ALA D 166 8.16 23.52 -63.71
C ALA D 166 7.49 23.00 -62.45
N VAL D 167 8.31 22.66 -61.46
CA VAL D 167 7.84 22.09 -60.20
C VAL D 167 8.23 23.04 -59.07
N ALA D 168 7.25 23.38 -58.24
CA ALA D 168 7.46 24.24 -57.08
C ALA D 168 7.16 23.46 -55.81
N VAL D 169 8.12 23.46 -54.88
CA VAL D 169 7.98 22.76 -53.61
C VAL D 169 7.62 23.79 -52.54
N VAL D 170 6.46 23.60 -51.91
CA VAL D 170 5.93 24.56 -50.95
C VAL D 170 5.98 23.95 -49.56
N ILE D 171 6.47 24.73 -48.60
CA ILE D 171 6.51 24.30 -47.20
C ILE D 171 5.25 24.84 -46.51
N PRO D 172 4.31 23.97 -46.15
CA PRO D 172 3.09 24.45 -45.49
C PRO D 172 3.30 24.64 -44.00
N LYS D 173 2.59 25.63 -43.46
CA LYS D 173 2.62 25.87 -42.02
C LYS D 173 1.89 24.75 -41.28
N LEU D 174 2.34 24.50 -40.05
CA LEU D 174 1.79 23.38 -39.28
C LEU D 174 0.30 23.55 -39.01
N ASP D 175 -0.11 24.76 -38.62
CA ASP D 175 -1.53 25.01 -38.39
C ASP D 175 -2.33 24.92 -39.69
N PHE D 176 -1.71 25.21 -40.82
CA PHE D 176 -2.38 25.14 -42.11
C PHE D 176 -2.21 23.78 -42.79
N GLN D 177 -1.58 22.82 -42.13
CA GLN D 177 -1.48 21.46 -42.66
C GLN D 177 -2.68 20.59 -42.30
N GLY D 178 -3.79 21.19 -41.89
CA GLY D 178 -4.98 20.43 -41.59
C GLY D 178 -5.69 19.95 -42.83
N THR D 179 -6.73 19.13 -42.61
CA THR D 179 -7.48 18.57 -43.73
C THR D 179 -8.16 19.66 -44.55
N GLU D 180 -8.90 20.54 -43.88
CA GLU D 180 -9.59 21.61 -44.60
C GLU D 180 -8.62 22.72 -45.01
N SER D 181 -7.58 22.96 -44.22
CA SER D 181 -6.64 24.03 -44.53
C SER D 181 -5.83 23.71 -45.77
N LEU D 182 -5.31 22.48 -45.87
CA LEU D 182 -4.57 22.08 -47.06
C LEU D 182 -5.48 22.06 -48.28
N ASN D 183 -6.74 21.65 -48.11
CA ASN D 183 -7.70 21.74 -49.21
C ASN D 183 -7.89 23.18 -49.66
N THR D 184 -8.04 24.10 -48.69
CA THR D 184 -8.15 25.51 -49.04
C THR D 184 -6.86 26.03 -49.65
N LEU D 185 -5.71 25.57 -49.16
CA LEU D 185 -4.43 26.02 -49.69
C LEU D 185 -4.27 25.64 -51.15
N ARG D 186 -4.67 24.42 -51.53
CA ARG D 186 -4.50 23.98 -52.90
C ARG D 186 -5.42 24.74 -53.86
N ASP D 187 -6.57 25.21 -53.38
CA ASP D 187 -7.42 26.06 -54.22
C ASP D 187 -6.76 27.40 -54.48
N ARG D 188 -6.25 28.05 -53.43
CA ARG D 188 -5.59 29.35 -53.61
C ARG D 188 -4.36 29.21 -54.48
N ILE D 189 -3.65 28.09 -54.37
CA ILE D 189 -2.52 27.83 -55.26
C ILE D 189 -2.99 27.75 -56.71
N THR D 190 -4.11 27.04 -56.95
CA THR D 190 -4.66 26.97 -58.30
C THR D 190 -5.09 28.35 -58.80
N GLN D 191 -5.67 29.16 -57.92
CA GLN D 191 -6.07 30.51 -58.32
C GLN D 191 -4.87 31.38 -58.68
N ILE D 192 -3.70 31.06 -58.14
CA ILE D 192 -2.50 31.82 -58.47
C ILE D 192 -2.13 31.59 -59.92
N ASN D 193 -1.83 32.68 -60.64
CA ASN D 193 -1.55 32.59 -62.06
C ASN D 193 -0.31 31.75 -62.33
N GLY D 194 -0.32 31.05 -63.46
CA GLY D 194 0.80 30.22 -63.84
C GLY D 194 0.83 28.84 -63.24
N ILE D 195 -0.25 28.42 -62.58
CA ILE D 195 -0.33 27.10 -61.97
C ILE D 195 -1.52 26.36 -62.58
N ASP D 196 -1.29 25.16 -63.07
CA ASP D 196 -2.32 24.36 -63.72
C ASP D 196 -2.60 23.02 -63.04
N GLU D 197 -1.78 22.62 -62.07
CA GLU D 197 -1.97 21.34 -61.42
C GLU D 197 -1.33 21.37 -60.04
N VAL D 198 -2.03 20.79 -59.06
CA VAL D 198 -1.48 20.57 -57.73
C VAL D 198 -1.36 19.05 -57.56
N ARG D 199 -0.14 18.54 -57.63
CA ARG D 199 0.09 17.11 -57.68
C ARG D 199 -0.18 16.42 -56.35
N MET D 200 -0.41 17.16 -55.26
CA MET D 200 -0.74 16.53 -53.99
C MET D 200 -1.99 15.67 -54.14
N ASP D 201 -1.96 14.49 -53.52
CA ASP D 201 -2.93 13.45 -53.80
C ASP D 201 -4.15 13.47 -52.89
N ASP D 202 -4.01 13.96 -51.66
CA ASP D 202 -5.04 13.94 -50.61
C ASP D 202 -5.38 12.52 -50.16
N SER D 203 -4.74 11.50 -50.72
CA SER D 203 -4.95 10.12 -50.31
C SER D 203 -3.92 9.68 -49.27
N TRP D 204 -2.63 9.79 -49.60
CA TRP D 204 -1.59 9.50 -48.63
C TRP D 204 -1.64 10.49 -47.46
N PHE D 205 -1.99 11.75 -47.73
CA PHE D 205 -2.14 12.72 -46.66
C PHE D 205 -3.27 12.33 -45.72
N ALA D 206 -4.40 11.90 -46.27
CA ALA D 206 -5.51 11.46 -45.43
C ALA D 206 -5.17 10.16 -44.71
N ARG D 207 -4.51 9.23 -45.42
CA ARG D 207 -4.16 7.96 -44.80
C ARG D 207 -3.17 8.17 -43.65
N LEU D 208 -2.19 9.04 -43.84
CA LEU D 208 -1.24 9.32 -42.76
C LEU D 208 -1.91 10.06 -41.62
N ALA D 209 -2.91 10.88 -41.92
CA ALA D 209 -3.63 11.61 -40.87
C ALA D 209 -4.39 10.65 -39.97
N ALA D 210 -4.97 9.60 -40.54
CA ALA D 210 -5.74 8.64 -39.73
C ALA D 210 -4.85 7.93 -38.72
N LEU D 211 -3.65 7.52 -39.14
CA LEU D 211 -2.75 6.83 -38.22
C LEU D 211 -2.33 7.75 -37.08
N THR D 212 -2.04 9.02 -37.40
CA THR D 212 -1.68 9.97 -36.35
C THR D 212 -2.82 10.14 -35.35
N GLY D 213 -4.05 10.22 -35.84
CA GLY D 213 -5.19 10.33 -34.94
C GLY D 213 -5.38 9.10 -34.08
N LEU D 214 -5.06 7.93 -34.61
CA LEU D 214 -5.20 6.70 -33.82
C LEU D 214 -4.13 6.61 -32.75
N VAL D 215 -2.88 6.93 -33.10
CA VAL D 215 -1.79 6.86 -32.13
C VAL D 215 -2.03 7.85 -30.99
N GLY D 216 -2.45 9.07 -31.32
CA GLY D 216 -2.77 10.03 -30.28
C GLY D 216 -3.92 9.57 -29.40
N ARG D 217 -4.91 8.91 -29.99
CA ARG D 217 -6.03 8.40 -29.21
C ARG D 217 -5.58 7.33 -28.23
N VAL D 218 -4.75 6.40 -28.68
CA VAL D 218 -4.31 5.31 -27.81
C VAL D 218 -3.39 5.82 -26.72
N SER D 219 -2.44 6.69 -27.09
CA SER D 219 -1.50 7.22 -26.10
C SER D 219 -2.22 8.03 -25.03
N ALA D 220 -3.29 8.72 -25.39
CA ALA D 220 -4.06 9.47 -24.40
C ALA D 220 -4.69 8.54 -23.37
N MET D 221 -5.26 7.42 -23.82
CA MET D 221 -5.87 6.48 -22.88
C MET D 221 -4.81 5.81 -22.02
N ILE D 222 -3.67 5.46 -22.60
CA ILE D 222 -2.59 4.87 -21.82
C ILE D 222 -2.08 5.86 -20.79
N GLY D 223 -1.88 7.11 -21.20
CA GLY D 223 -1.36 8.12 -20.29
C GLY D 223 -2.27 8.36 -19.09
N VAL D 224 -3.57 8.27 -19.28
CA VAL D 224 -4.51 8.45 -18.18
C VAL D 224 -4.33 7.34 -17.14
N LEU D 225 -4.16 6.10 -17.59
CA LEU D 225 -4.04 4.98 -16.67
C LEU D 225 -2.81 5.10 -15.79
N MET D 226 -1.66 5.49 -16.39
CA MET D 226 -0.45 5.65 -15.60
C MET D 226 -0.58 6.78 -14.58
N VAL D 227 -1.18 7.90 -15.00
CA VAL D 227 -1.41 9.00 -14.06
C VAL D 227 -2.38 8.58 -12.97
N ALA D 228 -3.46 7.90 -13.34
CA ALA D 228 -4.42 7.43 -12.35
C ALA D 228 -3.80 6.39 -11.42
N ALA D 229 -2.81 5.64 -11.90
CA ALA D 229 -2.13 4.68 -11.04
C ALA D 229 -1.24 5.37 -10.01
N VAL D 230 -0.66 6.52 -10.37
CA VAL D 230 0.19 7.24 -9.43
C VAL D 230 -0.63 7.74 -8.25
N PHE D 231 -1.81 8.30 -8.52
CA PHE D 231 -2.66 8.82 -7.46
C PHE D 231 -3.08 7.70 -6.50
N LEU D 232 -3.47 6.55 -7.05
CA LEU D 232 -3.94 5.47 -6.19
C LEU D 232 -2.80 4.83 -5.40
N VAL D 233 -1.64 4.64 -6.05
CA VAL D 233 -0.52 4.01 -5.36
C VAL D 233 -0.03 4.89 -4.21
N ILE D 234 0.12 6.19 -4.45
CA ILE D 234 0.54 7.08 -3.38
C ILE D 234 -0.57 7.22 -2.34
N GLY D 235 -1.82 7.36 -2.78
CA GLY D 235 -2.91 7.54 -1.85
C GLY D 235 -3.13 6.31 -0.96
N ASN D 236 -3.08 5.12 -1.54
CA ASN D 236 -3.31 3.91 -0.76
C ASN D 236 -2.15 3.63 0.19
N SER D 237 -0.92 3.91 -0.23
CA SER D 237 0.23 3.66 0.64
C SER D 237 0.19 4.55 1.87
N VAL D 238 -0.13 5.84 1.69
CA VAL D 238 -0.22 6.75 2.82
C VAL D 238 -1.42 6.40 3.69
N ARG D 239 -2.53 5.99 3.06
CA ARG D 239 -3.72 5.64 3.82
C ARG D 239 -3.47 4.42 4.71
N LEU D 240 -2.78 3.41 4.20
CA LEU D 240 -2.54 2.21 4.98
C LEU D 240 -1.49 2.43 6.06
N SER D 241 -0.51 3.30 5.79
CA SER D 241 0.51 3.59 6.80
C SER D 241 -0.09 4.24 8.03
N ILE D 242 -1.02 5.17 7.84
CA ILE D 242 -1.64 5.85 8.97
C ILE D 242 -2.54 4.90 9.74
N PHE D 243 -3.24 4.00 9.03
CA PHE D 243 -4.20 3.11 9.67
C PHE D 243 -3.54 2.22 10.72
N ALA D 244 -2.26 1.88 10.52
CA ALA D 244 -1.56 1.09 11.53
C ALA D 244 -1.24 1.91 12.77
N ARG D 245 -1.31 3.24 12.69
CA ARG D 245 -1.00 4.13 13.80
C ARG D 245 -2.23 4.85 14.34
N ARG D 246 -3.43 4.33 14.05
CA ARG D 246 -4.64 5.03 14.46
C ARG D 246 -4.81 5.05 15.97
N ASP D 247 -4.09 4.20 16.70
CA ASP D 247 -4.17 4.23 18.16
C ASP D 247 -3.62 5.54 18.73
N SER D 248 -2.50 6.03 18.16
CA SER D 248 -1.92 7.27 18.67
C SER D 248 -2.83 8.46 18.40
N ILE D 249 -3.66 8.40 17.35
CA ILE D 249 -4.63 9.45 17.12
C ILE D 249 -5.65 9.50 18.25
N ASN D 250 -6.13 8.33 18.67
CA ASN D 250 -7.12 8.28 19.75
C ASN D 250 -6.53 8.75 21.07
N VAL D 251 -5.30 8.35 21.38
CA VAL D 251 -4.70 8.70 22.66
C VAL D 251 -4.51 10.20 22.77
N GLN D 252 -4.00 10.83 21.71
CA GLN D 252 -3.76 12.27 21.74
C GLN D 252 -5.07 13.03 21.86
N LYS D 253 -6.12 12.56 21.19
CA LYS D 253 -7.41 13.25 21.26
C LYS D 253 -8.02 13.19 22.65
N LEU D 254 -7.73 12.13 23.41
CA LEU D 254 -8.33 11.98 24.73
C LEU D 254 -7.75 12.96 25.74
N ILE D 255 -6.52 13.41 25.53
CA ILE D 255 -5.85 14.27 26.50
C ILE D 255 -5.98 15.73 26.07
N GLY D 256 -6.88 16.01 25.13
CA GLY D 256 -7.24 17.38 24.81
C GLY D 256 -6.52 18.00 23.62
N ALA D 257 -5.81 17.22 22.81
CA ALA D 257 -5.14 17.79 21.66
C ALA D 257 -6.16 18.19 20.60
N THR D 258 -5.91 19.32 19.94
CA THR D 258 -6.77 19.78 18.87
C THR D 258 -6.50 19.00 17.59
N ASP D 259 -7.41 19.14 16.62
CA ASP D 259 -7.26 18.44 15.35
C ASP D 259 -6.03 18.93 14.59
N GLY D 260 -5.77 20.24 14.63
CA GLY D 260 -4.59 20.76 13.95
C GLY D 260 -3.30 20.19 14.51
N PHE D 261 -3.23 20.02 15.83
CA PHE D 261 -2.03 19.46 16.45
C PHE D 261 -1.80 18.02 16.00
N ILE D 262 -2.87 17.23 15.92
CA ILE D 262 -2.74 15.82 15.57
C ILE D 262 -2.34 15.67 14.11
N LEU D 263 -2.87 16.53 13.23
CA LEU D 263 -2.70 16.33 11.79
C LEU D 263 -1.26 16.56 11.35
N ARG D 264 -0.56 17.50 11.98
CA ARG D 264 0.74 17.95 11.45
C ARG D 264 1.77 16.83 11.33
N PRO D 265 1.99 15.98 12.33
CA PRO D 265 2.95 14.87 12.12
C PRO D 265 2.55 13.95 10.98
N PHE D 266 1.27 13.71 10.77
CA PHE D 266 0.83 12.84 9.69
C PHE D 266 0.91 13.54 8.34
N LEU D 267 0.62 14.84 8.31
CA LEU D 267 0.72 15.58 7.05
C LEU D 267 2.16 15.60 6.53
N TYR D 268 3.12 15.83 7.43
CA TYR D 268 4.51 15.87 7.01
C TYR D 268 5.03 14.49 6.62
N GLY D 269 4.45 13.43 7.22
CA GLY D 269 4.84 12.09 6.82
C GLY D 269 4.40 11.75 5.41
N GLY D 270 3.19 12.18 5.04
CA GLY D 270 2.73 11.93 3.68
C GLY D 270 3.51 12.71 2.65
N ALA D 271 3.84 13.97 2.96
CA ALA D 271 4.64 14.77 2.02
C ALA D 271 6.02 14.18 1.83
N LEU D 272 6.64 13.71 2.91
CA LEU D 272 7.96 13.10 2.79
C LEU D 272 7.91 11.83 1.95
N LEU D 273 6.87 11.01 2.13
CA LEU D 273 6.74 9.79 1.35
C LEU D 273 6.60 10.10 -0.13
N GLY D 274 5.74 11.08 -0.46
CA GLY D 274 5.59 11.47 -1.85
C GLY D 274 6.84 12.09 -2.42
N PHE D 275 7.54 12.90 -1.61
CA PHE D 275 8.78 13.52 -2.07
C PHE D 275 9.88 12.49 -2.26
N SER D 276 10.04 11.59 -1.29
CA SER D 276 11.10 10.59 -1.38
C SER D 276 10.89 9.65 -2.56
N GLY D 277 9.64 9.21 -2.77
CA GLY D 277 9.36 8.35 -3.91
C GLY D 277 9.62 9.04 -5.24
N ALA D 278 9.21 10.31 -5.35
CA ALA D 278 9.44 11.05 -6.59
C ALA D 278 10.92 11.30 -6.82
N LEU D 279 11.67 11.59 -5.76
CA LEU D 279 13.10 11.86 -5.91
C LEU D 279 13.84 10.63 -6.39
N LEU D 280 13.48 9.46 -5.89
CA LEU D 280 14.14 8.23 -6.30
C LEU D 280 13.86 7.91 -7.77
N SER D 281 12.65 8.21 -8.24
CA SER D 281 12.31 7.95 -9.62
C SER D 281 13.14 8.79 -10.59
N LEU D 282 13.47 10.03 -10.19
CA LEU D 282 14.31 10.86 -11.05
C LEU D 282 15.68 10.24 -11.26
N ILE D 283 16.18 9.50 -10.28
CA ILE D 283 17.44 8.77 -10.46
C ILE D 283 17.24 7.61 -11.42
N LEU D 284 16.13 6.88 -11.27
CA LEU D 284 15.86 5.74 -12.15
C LEU D 284 15.66 6.19 -13.59
N SER D 285 14.92 7.29 -13.79
CA SER D 285 14.66 7.76 -15.14
C SER D 285 15.95 8.15 -15.85
N GLU D 286 16.86 8.84 -15.14
CA GLU D 286 18.12 9.23 -15.74
C GLU D 286 18.98 8.03 -16.09
N ILE D 287 18.95 6.99 -15.24
CA ILE D 287 19.72 5.78 -15.52
C ILE D 287 19.21 5.11 -16.79
N LEU D 288 17.89 5.01 -16.93
CA LEU D 288 17.32 4.36 -18.11
C LEU D 288 17.61 5.12 -19.39
N VAL D 289 17.89 6.42 -19.31
CA VAL D 289 18.34 7.16 -20.48
C VAL D 289 19.69 6.65 -20.95
N LEU D 290 20.61 6.44 -20.00
CA LEU D 290 21.95 5.99 -20.37
C LEU D 290 21.95 4.61 -21.00
N ARG D 291 21.02 3.75 -20.58
CA ARG D 291 20.89 2.44 -21.21
C ARG D 291 20.43 2.59 -22.67
N LEU D 292 19.55 3.55 -22.93
CA LEU D 292 19.05 3.80 -24.27
C LEU D 292 19.93 4.74 -25.08
N SER D 293 20.94 5.36 -24.46
CA SER D 293 21.82 6.26 -25.19
C SER D 293 22.59 5.51 -26.27
N SER D 294 23.11 4.33 -25.94
CA SER D 294 23.84 3.54 -26.92
C SER D 294 22.93 3.08 -28.06
N ALA D 295 21.71 2.66 -27.73
CA ALA D 295 20.81 2.15 -28.76
C ALA D 295 20.41 3.23 -29.75
N VAL D 296 20.08 4.42 -29.26
CA VAL D 296 19.66 5.51 -30.14
C VAL D 296 20.81 5.96 -31.01
N ALA D 297 22.02 6.04 -30.44
CA ALA D 297 23.18 6.44 -31.22
C ALA D 297 23.46 5.46 -32.35
N GLU D 298 23.26 4.16 -32.09
CA GLU D 298 23.49 3.15 -33.11
C GLU D 298 22.53 3.35 -34.29
N VAL D 299 21.26 3.61 -34.00
CA VAL D 299 20.27 3.81 -35.06
C VAL D 299 20.60 5.05 -35.87
N ALA D 300 20.99 6.13 -35.18
CA ALA D 300 21.36 7.35 -35.88
C ALA D 300 22.57 7.14 -36.78
N GLN D 301 23.50 6.28 -36.34
CA GLN D 301 24.67 5.98 -37.16
C GLN D 301 24.28 5.31 -38.47
N VAL D 302 23.32 4.38 -38.42
CA VAL D 302 22.88 3.70 -39.63
C VAL D 302 22.25 4.69 -40.60
N PHE D 303 21.39 5.57 -40.08
CA PHE D 303 20.76 6.58 -40.93
C PHE D 303 21.71 7.69 -41.33
N GLY D 304 22.90 7.76 -40.73
CA GLY D 304 23.85 8.81 -41.04
C GLY D 304 23.62 10.08 -40.26
N THR D 305 22.37 10.54 -40.21
CA THR D 305 22.04 11.74 -39.47
C THR D 305 22.24 11.51 -37.97
N LYS D 306 22.79 12.52 -37.31
CA LYS D 306 23.08 12.43 -35.88
C LYS D 306 21.90 12.93 -35.06
N PHE D 307 21.51 12.13 -34.07
CA PHE D 307 20.41 12.48 -33.17
C PHE D 307 20.82 12.17 -31.75
N ASP D 308 20.33 13.00 -30.81
CA ASP D 308 20.65 12.84 -29.41
C ASP D 308 19.37 12.90 -28.58
N ILE D 309 19.24 11.98 -27.63
CA ILE D 309 18.07 11.96 -26.77
C ILE D 309 18.13 13.13 -25.79
N ASN D 310 16.96 13.65 -25.43
CA ASN D 310 16.84 14.74 -24.48
C ASN D 310 16.09 14.25 -23.25
N GLY D 311 16.70 14.40 -22.09
CA GLY D 311 16.10 13.97 -20.85
C GLY D 311 15.16 15.02 -20.28
N LEU D 312 14.71 14.77 -19.06
CA LEU D 312 13.81 15.70 -18.39
C LEU D 312 14.53 17.01 -18.08
N SER D 313 13.82 18.12 -18.29
CA SER D 313 14.38 19.43 -17.98
C SER D 313 14.30 19.68 -16.48
N PHE D 314 15.00 20.72 -16.04
CA PHE D 314 15.01 21.06 -14.61
C PHE D 314 13.63 21.50 -14.14
N ASP D 315 12.88 22.21 -14.99
CA ASP D 315 11.54 22.64 -14.60
C ASP D 315 10.62 21.45 -14.38
N GLU D 316 10.70 20.44 -15.25
CA GLU D 316 9.85 19.27 -15.10
C GLU D 316 10.22 18.47 -13.85
N CYS D 317 11.51 18.40 -13.53
CA CYS D 317 11.94 17.67 -12.34
C CYS D 317 11.38 18.31 -11.07
N LEU D 318 11.44 19.64 -10.98
CA LEU D 318 10.89 20.32 -9.82
C LEU D 318 9.38 20.17 -9.75
N LEU D 319 8.71 20.23 -10.90
CA LEU D 319 7.26 20.08 -10.91
C LEU D 319 6.84 18.68 -10.46
N LEU D 320 7.60 17.67 -10.86
CA LEU D 320 7.27 16.30 -10.46
C LEU D 320 7.40 16.13 -8.95
N LEU D 321 8.46 16.67 -8.36
CA LEU D 321 8.61 16.59 -6.91
C LEU D 321 7.50 17.33 -6.18
N LEU D 322 7.13 18.52 -6.69
CA LEU D 322 6.14 19.34 -6.01
C LEU D 322 4.75 18.71 -6.09
N VAL D 323 4.41 18.13 -7.24
CA VAL D 323 3.08 17.54 -7.39
C VAL D 323 2.94 16.28 -6.55
N CYS D 324 3.97 15.43 -6.54
CA CYS D 324 3.90 14.20 -5.77
C CYS D 324 3.80 14.47 -4.27
N SER D 325 4.44 15.54 -3.79
CA SER D 325 4.30 15.91 -2.38
C SER D 325 2.86 16.30 -2.07
N MET D 326 2.22 17.04 -2.97
CA MET D 326 0.84 17.48 -2.72
C MET D 326 -0.10 16.30 -2.67
N ILE D 327 0.14 15.29 -3.52
CA ILE D 327 -0.70 14.08 -3.49
C ILE D 327 -0.57 13.38 -2.14
N GLY D 328 0.65 13.25 -1.63
CA GLY D 328 0.83 12.66 -0.31
C GLY D 328 0.23 13.52 0.79
N TRP D 329 0.35 14.85 0.66
CA TRP D 329 -0.21 15.74 1.66
C TRP D 329 -1.73 15.61 1.73
N VAL D 330 -2.39 15.56 0.57
CA VAL D 330 -3.84 15.45 0.55
C VAL D 330 -4.28 14.07 1.03
N ALA D 331 -3.55 13.02 0.62
CA ALA D 331 -3.89 11.67 1.05
C ALA D 331 -3.79 11.52 2.55
N ALA D 332 -2.76 12.12 3.16
CA ALA D 332 -2.63 12.07 4.61
C ALA D 332 -3.73 12.87 5.29
N TRP D 333 -4.12 14.01 4.72
CA TRP D 333 -5.19 14.81 5.31
C TRP D 333 -6.51 14.06 5.26
N LEU D 334 -6.83 13.42 4.13
CA LEU D 334 -8.08 12.70 4.02
C LEU D 334 -8.12 11.49 4.95
N ALA D 335 -7.00 10.78 5.08
CA ALA D 335 -6.97 9.58 5.92
C ALA D 335 -7.10 9.93 7.39
N THR D 336 -6.36 10.95 7.85
CA THR D 336 -6.37 11.29 9.27
C THR D 336 -7.72 11.86 9.70
N VAL D 337 -8.33 12.70 8.86
CA VAL D 337 -9.62 13.30 9.21
C VAL D 337 -10.68 12.23 9.38
N GLN D 338 -10.62 11.16 8.58
CA GLN D 338 -11.57 10.07 8.72
C GLN D 338 -11.44 9.40 10.09
N HIS D 339 -10.22 9.31 10.62
CA HIS D 339 -10.04 8.70 11.94
C HIS D 339 -10.51 9.63 13.05
N LEU D 340 -10.28 10.94 12.89
CA LEU D 340 -10.71 11.89 13.91
C LEU D 340 -12.22 11.93 14.05
N ARG D 341 -12.95 11.74 12.93
CA ARG D 341 -14.40 11.66 13.01
C ARG D 341 -14.86 10.34 13.61
N HIS D 342 -14.06 9.28 13.46
CA HIS D 342 -14.45 7.98 13.99
C HIS D 342 -14.42 7.98 15.51
N PHE D 343 -13.45 8.66 16.11
CA PHE D 343 -13.32 8.70 17.56
C PHE D 343 -14.21 9.77 18.21
N THR D 344 -14.92 10.55 17.41
CA THR D 344 -15.85 11.53 17.95
C THR D 344 -17.04 10.80 18.57
N PRO D 345 -17.43 11.12 19.81
CA PRO D 345 -18.54 10.39 20.45
C PRO D 345 -19.86 10.49 19.70
N GLU D 346 -20.14 11.63 19.08
CA GLU D 346 -21.45 11.85 18.48
C GLU D 346 -21.34 12.52 17.11
#